data_9NN9
#
_entry.id   9NN9
#
_cell.length_a   68.460
_cell.length_b   114.470
_cell.length_c   79.290
_cell.angle_alpha   90.00
_cell.angle_beta   105.86
_cell.angle_gamma   90.00
#
_symmetry.space_group_name_H-M   'P 1 21 1'
#
loop_
_entity.id
_entity.type
_entity.pdbx_description
1 polymer 'Ubiquitin-like protein ISG15'
2 polymer Nanobody
3 non-polymer 1,2-ETHANEDIOL
4 non-polymer 'SULFATE ION'
5 water water
#
loop_
_entity_poly.entity_id
_entity_poly.type
_entity_poly.pdbx_seq_one_letter_code
_entity_poly.pdbx_strand_id
1 'polypeptide(L)'
;MGWDLTVKMLAGNEFQVSLSSSMSVSELKAQITQKIGVHAFQQRLAVHPSGVALQDRVPLASQGLGPGSTVLLVVDKSDE
PLSILVRNNKGRSSTYEVRLTQTVAHLKQQVSGLEGVQDDLFWLTFEGKPLEDQLPLGEYGLKPLSTVFMNLRLRGGSSH
HHHHH
;
A,C,E
2 'polypeptide(L)'
;QLQLVETGGGLVQAGGSLRLSCAASGRTFAGLSVKWFRQPPGAEREWVAHITSTGSSTHYADSVKGRFTISRDYDRNMVY
LQMSSLKPEDTAVYYCHASTLWPEKHQDYWGQGIQVTVSSGGLPETGGSSYPYDVPDYAGGSSHHHHHH
;
B,D,F
#
loop_
_chem_comp.id
_chem_comp.type
_chem_comp.name
_chem_comp.formula
EDO non-polymer 1,2-ETHANEDIOL 'C2 H6 O2'
SO4 non-polymer 'SULFATE ION' 'O4 S -2'
#
# COMPACT_ATOMS: atom_id res chain seq x y z
N TRP A 3 -34.65 -31.37 -24.48
CA TRP A 3 -35.16 -30.03 -24.15
C TRP A 3 -34.26 -28.90 -24.59
N ASP A 4 -34.83 -27.94 -25.33
CA ASP A 4 -34.14 -26.71 -25.67
C ASP A 4 -34.81 -25.57 -24.93
N LEU A 5 -34.07 -24.91 -24.07
CA LEU A 5 -34.56 -23.79 -23.30
C LEU A 5 -33.88 -22.52 -23.78
N THR A 6 -34.56 -21.40 -23.61
CA THR A 6 -33.98 -20.10 -23.88
C THR A 6 -33.49 -19.50 -22.56
N VAL A 7 -32.26 -18.98 -22.56
CA VAL A 7 -31.74 -18.19 -21.46
C VAL A 7 -31.73 -16.73 -21.89
N LYS A 8 -32.31 -15.85 -21.07
CA LYS A 8 -32.38 -14.43 -21.35
C LYS A 8 -31.60 -13.69 -20.27
N MET A 9 -30.44 -13.16 -20.63
CA MET A 9 -29.69 -12.35 -19.68
C MET A 9 -30.40 -11.01 -19.50
N LEU A 10 -30.45 -10.53 -18.26
CA LEU A 10 -31.30 -9.37 -17.96
C LEU A 10 -30.91 -8.17 -18.79
N ALA A 11 -29.60 -7.90 -18.89
CA ALA A 11 -29.11 -6.79 -19.71
C ALA A 11 -29.75 -6.83 -21.10
N GLY A 12 -29.99 -8.04 -21.62
CA GLY A 12 -30.90 -8.20 -22.73
C GLY A 12 -30.62 -9.38 -23.64
N ASN A 13 -29.37 -9.85 -23.68
CA ASN A 13 -29.04 -10.78 -24.75
C ASN A 13 -29.47 -12.23 -24.43
N GLU A 14 -29.78 -12.97 -25.50
CA GLU A 14 -30.36 -14.30 -25.42
C GLU A 14 -29.45 -15.34 -26.04
N PHE A 15 -29.31 -16.47 -25.35
CA PHE A 15 -28.75 -17.67 -25.97
C PHE A 15 -29.66 -18.86 -25.68
N GLN A 16 -29.28 -20.00 -26.23
CA GLN A 16 -30.05 -21.22 -26.15
C GLN A 16 -29.17 -22.35 -25.66
N VAL A 17 -29.74 -23.18 -24.80
CA VAL A 17 -29.05 -24.35 -24.29
C VAL A 17 -29.89 -25.56 -24.62
N SER A 18 -29.23 -26.70 -24.67
CA SER A 18 -29.85 -28.01 -24.84
C SER A 18 -29.56 -28.83 -23.60
N LEU A 19 -30.62 -29.35 -22.99
CA LEU A 19 -30.48 -30.44 -22.05
C LEU A 19 -30.81 -31.75 -22.75
N SER A 20 -29.97 -32.75 -22.55
CA SER A 20 -30.19 -34.08 -23.09
C SER A 20 -29.85 -35.15 -22.09
N SER A 21 -29.15 -34.81 -21.01
CA SER A 21 -28.72 -35.77 -20.01
C SER A 21 -29.75 -35.86 -18.89
N SER A 22 -29.56 -35.08 -17.83
CA SER A 22 -30.36 -35.28 -16.63
C SER A 22 -31.61 -34.41 -16.59
N MET A 23 -31.58 -33.23 -17.23
CA MET A 23 -32.67 -32.25 -17.14
C MET A 23 -32.78 -31.72 -15.71
N SER A 24 -31.64 -31.45 -15.08
CA SER A 24 -31.64 -30.85 -13.77
C SER A 24 -31.14 -29.41 -13.85
N VAL A 25 -31.27 -28.72 -12.71
CA VAL A 25 -30.66 -27.40 -12.57
C VAL A 25 -29.17 -27.49 -12.88
N SER A 26 -28.51 -28.59 -12.47
CA SER A 26 -27.09 -28.78 -12.75
C SER A 26 -26.79 -28.75 -14.24
N GLU A 27 -27.51 -29.55 -15.05
CA GLU A 27 -27.24 -29.60 -16.48
C GLU A 27 -27.43 -28.24 -17.13
N LEU A 28 -28.54 -27.58 -16.79
CA LEU A 28 -28.79 -26.24 -17.29
C LEU A 28 -27.59 -25.32 -17.02
N LYS A 29 -27.21 -25.19 -15.74
CA LYS A 29 -26.10 -24.35 -15.33
C LYS A 29 -24.80 -24.77 -16.00
N ALA A 30 -24.65 -26.06 -16.27
CA ALA A 30 -23.42 -26.52 -16.92
C ALA A 30 -23.32 -25.94 -18.32
N GLN A 31 -24.43 -25.99 -19.05
CA GLN A 31 -24.53 -25.41 -20.38
C GLN A 31 -24.26 -23.90 -20.38
N ILE A 32 -24.85 -23.18 -19.42
CA ILE A 32 -24.60 -21.75 -19.28
C ILE A 32 -23.12 -21.50 -19.02
N THR A 33 -22.47 -22.39 -18.27
CA THR A 33 -21.02 -22.28 -18.09
C THR A 33 -20.29 -22.45 -19.42
N GLN A 34 -20.67 -23.46 -20.20
CA GLN A 34 -20.09 -23.62 -21.52
C GLN A 34 -20.32 -22.40 -22.40
N LYS A 35 -21.42 -21.67 -22.17
CA LYS A 35 -21.77 -20.60 -23.08
C LYS A 35 -21.07 -19.30 -22.71
N ILE A 36 -21.06 -18.95 -21.43
CA ILE A 36 -20.63 -17.61 -21.01
C ILE A 36 -19.58 -17.64 -19.91
N GLY A 37 -19.06 -18.82 -19.59
CA GLY A 37 -17.95 -18.96 -18.67
C GLY A 37 -18.12 -18.42 -17.26
N VAL A 38 -19.24 -18.72 -16.58
CA VAL A 38 -19.40 -18.39 -15.18
C VAL A 38 -19.85 -19.63 -14.44
N HIS A 39 -19.33 -19.83 -13.22
CA HIS A 39 -19.60 -21.06 -12.48
C HIS A 39 -21.09 -21.15 -12.09
N ALA A 40 -21.52 -22.36 -11.75
CA ALA A 40 -22.92 -22.55 -11.37
C ALA A 40 -23.32 -21.63 -10.22
N PHE A 41 -22.49 -21.54 -9.18
CA PHE A 41 -22.86 -20.73 -8.02
C PHE A 41 -22.97 -19.26 -8.33
N GLN A 42 -22.52 -18.80 -9.50
CA GLN A 42 -22.66 -17.39 -9.83
C GLN A 42 -23.90 -17.08 -10.64
N GLN A 43 -24.66 -18.11 -11.04
CA GLN A 43 -25.85 -17.96 -11.88
C GLN A 43 -27.08 -17.88 -11.00
N ARG A 44 -27.66 -16.69 -10.91
CA ARG A 44 -28.99 -16.50 -10.30
C ARG A 44 -30.02 -16.68 -11.41
N LEU A 45 -30.77 -17.77 -11.35
CA LEU A 45 -31.72 -18.10 -12.41
C LEU A 45 -33.16 -18.00 -11.92
N ALA A 46 -34.07 -17.59 -12.82
CA ALA A 46 -35.47 -17.45 -12.51
C ALA A 46 -36.29 -17.99 -13.66
N VAL A 47 -37.40 -18.64 -13.33
CA VAL A 47 -38.33 -19.11 -14.34
C VAL A 47 -39.12 -17.91 -14.86
N HIS A 48 -39.25 -17.84 -16.16
CA HIS A 48 -40.16 -16.90 -16.79
C HIS A 48 -41.41 -17.64 -17.24
N PRO A 49 -42.61 -17.11 -17.02
CA PRO A 49 -42.94 -15.75 -16.62
C PRO A 49 -43.20 -15.50 -15.13
N SER A 50 -43.34 -16.49 -14.26
CA SER A 50 -43.62 -16.18 -12.85
C SER A 50 -42.54 -15.27 -12.26
N GLY A 51 -41.28 -15.50 -12.65
CA GLY A 51 -40.18 -14.76 -12.09
C GLY A 51 -39.63 -15.29 -10.78
N VAL A 52 -40.11 -16.43 -10.27
CA VAL A 52 -39.53 -16.96 -9.04
C VAL A 52 -38.18 -17.61 -9.33
N ALA A 53 -37.37 -17.74 -8.29
CA ALA A 53 -36.10 -18.43 -8.39
C ALA A 53 -36.29 -19.90 -8.78
N LEU A 54 -35.35 -20.39 -9.57
CA LEU A 54 -35.12 -21.82 -9.73
C LEU A 54 -34.47 -22.36 -8.46
N GLN A 55 -35.08 -23.38 -7.84
CA GLN A 55 -34.45 -24.05 -6.70
C GLN A 55 -33.44 -25.09 -7.17
N ASP A 56 -32.20 -24.98 -6.67
CA ASP A 56 -31.24 -26.08 -6.81
C ASP A 56 -31.82 -27.34 -6.17
N ARG A 57 -31.42 -28.50 -6.69
CA ARG A 57 -31.83 -29.81 -6.18
C ARG A 57 -33.33 -30.07 -6.31
N VAL A 58 -33.97 -29.51 -7.35
CA VAL A 58 -35.37 -29.78 -7.68
C VAL A 58 -35.50 -30.03 -9.18
N PRO A 59 -36.18 -31.10 -9.60
CA PRO A 59 -36.34 -31.37 -11.04
C PRO A 59 -36.92 -30.17 -11.78
N LEU A 60 -36.32 -29.82 -12.93
CA LEU A 60 -36.82 -28.67 -13.69
C LEU A 60 -38.28 -28.82 -14.03
N ALA A 61 -38.71 -30.04 -14.36
CA ALA A 61 -40.11 -30.24 -14.72
C ALA A 61 -41.02 -30.06 -13.53
N SER A 62 -40.47 -30.13 -12.31
CA SER A 62 -41.24 -29.83 -11.10
C SER A 62 -41.47 -28.34 -10.90
N GLN A 63 -40.51 -27.49 -11.26
CA GLN A 63 -40.67 -26.04 -11.08
C GLN A 63 -41.30 -25.37 -12.30
N GLY A 64 -42.11 -26.09 -13.06
CA GLY A 64 -42.81 -25.55 -14.21
C GLY A 64 -41.93 -25.22 -15.41
N LEU A 65 -40.89 -26.02 -15.66
CA LEU A 65 -40.00 -25.81 -16.79
C LEU A 65 -40.11 -27.00 -17.73
N GLY A 66 -40.44 -26.72 -18.98
CA GLY A 66 -40.55 -27.77 -19.98
C GLY A 66 -39.70 -27.46 -21.20
N PRO A 67 -39.77 -28.31 -22.21
CA PRO A 67 -39.12 -27.99 -23.49
C PRO A 67 -39.63 -26.66 -24.01
N GLY A 68 -38.70 -25.82 -24.47
CA GLY A 68 -39.03 -24.55 -25.07
C GLY A 68 -39.30 -23.42 -24.11
N SER A 69 -39.24 -23.64 -22.80
CA SER A 69 -39.48 -22.53 -21.88
C SER A 69 -38.22 -21.68 -21.76
N THR A 70 -38.36 -20.50 -21.15
CA THR A 70 -37.25 -19.57 -21.02
C THR A 70 -37.00 -19.26 -19.54
N VAL A 71 -35.73 -19.17 -19.17
CA VAL A 71 -35.35 -18.72 -17.84
C VAL A 71 -34.61 -17.40 -17.99
N LEU A 72 -34.63 -16.61 -16.91
CA LEU A 72 -33.90 -15.34 -16.83
C LEU A 72 -32.63 -15.53 -16.02
N LEU A 73 -31.53 -14.97 -16.52
CA LEU A 73 -30.21 -15.19 -15.95
C LEU A 73 -29.65 -13.86 -15.48
N VAL A 74 -29.31 -13.80 -14.20
CA VAL A 74 -28.42 -12.78 -13.65
C VAL A 74 -27.15 -13.47 -13.19
N VAL A 75 -25.98 -12.94 -13.60
CA VAL A 75 -24.71 -13.43 -13.07
C VAL A 75 -24.29 -12.53 -11.93
N ASP A 76 -24.02 -13.14 -10.78
CA ASP A 76 -23.52 -12.46 -9.59
C ASP A 76 -22.15 -13.07 -9.36
N LYS A 77 -21.09 -12.39 -9.82
CA LYS A 77 -19.75 -12.83 -9.44
C LYS A 77 -19.80 -12.79 -7.93
N SER A 78 -19.71 -13.91 -7.26
CA SER A 78 -20.03 -13.87 -5.84
C SER A 78 -18.74 -13.79 -5.05
N ASP A 79 -18.02 -12.70 -5.25
CA ASP A 79 -16.61 -12.64 -4.89
C ASP A 79 -16.32 -11.65 -3.78
N GLU A 80 -17.35 -11.20 -3.08
CA GLU A 80 -17.14 -10.43 -1.86
C GLU A 80 -16.41 -11.31 -0.86
N PRO A 81 -15.35 -10.82 -0.20
CA PRO A 81 -14.61 -11.71 0.72
C PRO A 81 -15.47 -12.14 1.89
N LEU A 82 -15.21 -13.34 2.37
CA LEU A 82 -15.83 -13.89 3.58
C LEU A 82 -14.75 -14.64 4.36
N SER A 83 -15.01 -14.82 5.65
CA SER A 83 -14.10 -15.57 6.51
C SER A 83 -14.59 -17.02 6.67
N ILE A 84 -13.70 -17.98 6.51
CA ILE A 84 -14.03 -19.37 6.78
C ILE A 84 -13.13 -19.86 7.91
N LEU A 85 -13.52 -20.97 8.52
CA LEU A 85 -12.67 -21.65 9.48
C LEU A 85 -11.92 -22.79 8.81
N VAL A 86 -10.63 -22.88 9.13
CA VAL A 86 -9.81 -24.04 8.79
C VAL A 86 -9.37 -24.65 10.11
N ARG A 87 -9.83 -25.88 10.38
CA ARG A 87 -9.27 -26.74 11.41
C ARG A 87 -8.06 -27.44 10.81
N ASN A 88 -6.91 -27.33 11.45
CA ASN A 88 -5.75 -27.95 10.83
C ASN A 88 -5.63 -29.40 11.29
N ASN A 89 -4.56 -30.05 10.84
CA ASN A 89 -4.39 -31.48 11.10
C ASN A 89 -4.04 -31.78 12.54
N LYS A 90 -3.67 -30.77 13.33
CA LYS A 90 -3.48 -30.86 14.77
C LYS A 90 -4.74 -30.48 15.53
N GLY A 91 -5.83 -30.16 14.84
CA GLY A 91 -7.12 -29.95 15.46
C GLY A 91 -7.43 -28.52 15.86
N ARG A 92 -6.55 -27.58 15.56
CA ARG A 92 -6.73 -26.18 15.93
C ARG A 92 -7.36 -25.42 14.76
N SER A 93 -8.28 -24.50 15.09
CA SER A 93 -9.07 -23.77 14.10
C SER A 93 -8.71 -22.28 14.08
N SER A 94 -8.72 -21.68 12.89
CA SER A 94 -8.51 -20.25 12.76
C SER A 94 -9.24 -19.75 11.51
N THR A 95 -9.50 -18.46 11.47
CA THR A 95 -10.19 -17.92 10.31
C THR A 95 -9.23 -17.66 9.16
N TYR A 96 -9.77 -17.70 7.95
CA TYR A 96 -9.07 -17.37 6.71
C TYR A 96 -10.02 -16.58 5.82
N GLU A 97 -9.55 -15.46 5.29
CA GLU A 97 -10.34 -14.66 4.36
C GLU A 97 -10.19 -15.23 2.97
N VAL A 98 -11.32 -15.40 2.27
CA VAL A 98 -11.33 -16.04 0.95
C VAL A 98 -12.38 -15.38 0.08
N ARG A 99 -12.35 -15.73 -1.20
CA ARG A 99 -13.41 -15.39 -2.14
C ARG A 99 -13.88 -16.71 -2.71
N LEU A 100 -15.20 -16.88 -2.80
CA LEU A 100 -15.73 -18.10 -3.39
C LEU A 100 -15.23 -18.34 -4.81
N THR A 101 -14.71 -17.31 -5.44
CA THR A 101 -14.19 -17.42 -6.79
C THR A 101 -12.79 -17.98 -6.86
N GLN A 102 -12.10 -18.10 -5.73
CA GLN A 102 -10.76 -18.66 -5.72
C GLN A 102 -10.79 -20.18 -5.72
N THR A 103 -9.72 -20.77 -6.24
CA THR A 103 -9.60 -22.21 -6.30
C THR A 103 -9.31 -22.82 -4.93
N VAL A 104 -9.64 -24.10 -4.81
CA VAL A 104 -9.13 -24.87 -3.69
C VAL A 104 -7.61 -24.73 -3.60
N ALA A 105 -6.94 -24.82 -4.75
CA ALA A 105 -5.48 -24.70 -4.75
C ALA A 105 -5.04 -23.42 -4.06
N HIS A 106 -5.77 -22.33 -4.30
CA HIS A 106 -5.38 -21.07 -3.67
C HIS A 106 -5.60 -21.11 -2.17
N LEU A 107 -6.65 -21.79 -1.71
CA LEU A 107 -6.79 -21.95 -0.27
C LEU A 107 -5.65 -22.77 0.31
N LYS A 108 -5.26 -23.85 -0.39
CA LYS A 108 -4.14 -24.65 0.08
C LYS A 108 -2.87 -23.82 0.16
N GLN A 109 -2.71 -22.83 -0.70
CA GLN A 109 -1.52 -21.99 -0.63
C GLN A 109 -1.54 -21.15 0.64
N GLN A 110 -2.72 -20.62 0.97
CA GLN A 110 -2.82 -19.82 2.20
C GLN A 110 -2.50 -20.69 3.41
N VAL A 111 -3.08 -21.89 3.46
CA VAL A 111 -2.85 -22.77 4.59
C VAL A 111 -1.40 -23.24 4.61
N SER A 112 -0.82 -23.54 3.44
CA SER A 112 0.58 -23.94 3.37
C SER A 112 1.48 -22.87 3.97
N GLY A 113 1.28 -21.62 3.55
CA GLY A 113 2.07 -20.52 4.07
C GLY A 113 2.03 -20.39 5.58
N LEU A 114 0.92 -20.77 6.21
CA LEU A 114 0.76 -20.57 7.64
C LEU A 114 0.99 -21.83 8.48
N GLU A 115 0.86 -23.01 7.89
CA GLU A 115 1.12 -24.25 8.60
C GLU A 115 2.51 -24.80 8.34
N GLY A 116 3.22 -24.29 7.34
CA GLY A 116 4.57 -24.74 7.09
C GLY A 116 4.68 -26.09 6.44
N VAL A 117 3.61 -26.56 5.81
CA VAL A 117 3.57 -27.84 5.11
C VAL A 117 3.41 -27.55 3.63
N GLN A 118 4.26 -28.15 2.80
CA GLN A 118 4.10 -28.10 1.35
C GLN A 118 2.67 -28.45 0.96
N ASP A 119 2.15 -27.77 -0.06
CA ASP A 119 0.73 -27.92 -0.39
C ASP A 119 0.38 -29.31 -0.89
N ASP A 120 1.30 -29.99 -1.56
CA ASP A 120 0.94 -31.32 -2.01
C ASP A 120 1.05 -32.37 -0.89
N LEU A 121 1.50 -31.98 0.30
CA LEU A 121 1.62 -32.91 1.42
C LEU A 121 0.40 -32.94 2.32
N PHE A 122 -0.68 -32.23 1.96
CA PHE A 122 -1.89 -32.26 2.74
C PHE A 122 -3.08 -32.06 1.81
N TRP A 123 -4.27 -32.35 2.33
CA TRP A 123 -5.50 -32.24 1.56
C TRP A 123 -6.61 -31.73 2.48
N LEU A 124 -7.68 -31.21 1.87
CA LEU A 124 -8.73 -30.48 2.57
C LEU A 124 -10.09 -31.10 2.27
N THR A 125 -11.01 -30.94 3.22
CA THR A 125 -12.35 -31.50 3.10
C THR A 125 -13.34 -30.48 3.61
N PHE A 126 -14.53 -30.52 3.03
CA PHE A 126 -15.67 -29.74 3.51
C PHE A 126 -16.86 -30.69 3.57
N GLU A 127 -17.50 -30.76 4.74
CA GLU A 127 -18.57 -31.71 4.99
C GLU A 127 -18.19 -33.12 4.54
N GLY A 128 -16.93 -33.48 4.78
CA GLY A 128 -16.44 -34.79 4.42
C GLY A 128 -16.16 -35.03 2.95
N LYS A 129 -16.27 -34.01 2.12
CA LYS A 129 -16.04 -34.20 0.70
C LYS A 129 -14.68 -33.63 0.36
N PRO A 130 -13.76 -34.42 -0.21
CA PRO A 130 -12.40 -33.90 -0.48
C PRO A 130 -12.43 -32.83 -1.57
N LEU A 131 -11.81 -31.69 -1.29
CA LEU A 131 -11.83 -30.53 -2.18
C LEU A 131 -10.79 -30.68 -3.29
N GLU A 132 -11.21 -30.44 -4.54
CA GLU A 132 -10.32 -30.58 -5.68
C GLU A 132 -9.63 -29.26 -6.02
N ASP A 133 -8.31 -29.32 -6.23
CA ASP A 133 -7.49 -28.11 -6.36
C ASP A 133 -8.01 -27.13 -7.41
N GLN A 134 -8.55 -27.63 -8.51
CA GLN A 134 -8.83 -26.73 -9.62
C GLN A 134 -10.18 -26.05 -9.48
N LEU A 135 -11.01 -26.46 -8.59
CA LEU A 135 -12.38 -25.99 -8.53
C LEU A 135 -12.50 -24.81 -7.58
N PRO A 136 -13.46 -23.90 -7.81
CA PRO A 136 -13.57 -22.72 -6.95
C PRO A 136 -14.26 -23.08 -5.64
N LEU A 137 -14.04 -22.25 -4.63
CA LEU A 137 -14.60 -22.55 -3.32
C LEU A 137 -16.12 -22.56 -3.36
N GLY A 138 -16.72 -21.72 -4.22
CA GLY A 138 -18.16 -21.60 -4.29
C GLY A 138 -18.86 -22.79 -4.88
N GLU A 139 -18.15 -23.63 -5.63
CA GLU A 139 -18.75 -24.88 -6.09
C GLU A 139 -19.03 -25.85 -4.94
N TYR A 140 -18.38 -25.67 -3.79
CA TYR A 140 -18.61 -26.54 -2.65
C TYR A 140 -19.58 -25.93 -1.66
N GLY A 141 -20.09 -24.74 -1.94
CA GLY A 141 -21.12 -24.19 -1.08
C GLY A 141 -20.60 -23.67 0.24
N LEU A 142 -19.34 -23.23 0.29
CA LEU A 142 -18.77 -22.65 1.49
C LEU A 142 -19.53 -21.39 1.89
N LYS A 143 -19.54 -21.13 3.19
CA LYS A 143 -20.31 -20.07 3.83
C LYS A 143 -19.40 -19.40 4.86
N PRO A 144 -19.69 -18.10 5.20
CA PRO A 144 -19.09 -17.48 6.41
C PRO A 144 -18.98 -18.45 7.59
N LEU A 145 -17.75 -18.77 7.97
CA LEU A 145 -17.44 -19.58 9.15
C LEU A 145 -17.73 -21.06 8.95
N SER A 146 -17.67 -21.54 7.72
CA SER A 146 -17.62 -22.98 7.49
C SER A 146 -16.26 -23.54 7.87
N THR A 147 -16.23 -24.81 8.18
CA THR A 147 -15.01 -25.44 8.62
C THR A 147 -14.55 -26.42 7.55
N VAL A 148 -13.48 -26.05 6.89
CA VAL A 148 -12.69 -26.97 6.08
C VAL A 148 -11.71 -27.70 7.00
N PHE A 149 -11.60 -29.03 6.86
CA PHE A 149 -10.66 -29.82 7.63
C PHE A 149 -9.40 -30.11 6.82
N MET A 150 -8.25 -29.95 7.46
CA MET A 150 -6.95 -30.27 6.87
C MET A 150 -6.44 -31.61 7.38
N ASN A 151 -5.94 -32.46 6.47
CA ASN A 151 -5.28 -33.69 6.85
C ASN A 151 -4.00 -33.88 6.05
N LEU A 152 -3.01 -34.54 6.67
CA LEU A 152 -1.74 -34.81 6.02
C LEU A 152 -1.85 -36.03 5.14
N ARG A 153 -1.24 -35.95 3.95
CA ARG A 153 -1.07 -37.12 3.08
C ARG A 153 0.08 -37.99 3.57
N LEU A 154 0.03 -38.43 4.83
CA LEU A 154 1.17 -39.10 5.44
C LEU A 154 1.62 -40.27 4.56
N ARG A 155 2.93 -40.46 4.51
CA ARG A 155 3.58 -41.15 3.40
C ARG A 155 4.14 -42.51 3.79
N GLN B 1 9.06 -3.24 -2.30
CA GLN B 1 8.10 -4.24 -1.86
C GLN B 1 7.68 -3.99 -0.40
N LEU B 2 6.71 -4.76 0.10
CA LEU B 2 6.16 -4.59 1.43
C LEU B 2 7.05 -5.20 2.51
N GLN B 3 7.27 -4.44 3.58
CA GLN B 3 7.73 -4.99 4.85
C GLN B 3 6.77 -4.59 5.96
N LEU B 4 6.69 -5.43 6.97
CA LEU B 4 5.85 -5.22 8.15
C LEU B 4 6.75 -4.94 9.35
N VAL B 5 6.54 -3.80 10.00
CA VAL B 5 7.41 -3.37 11.09
C VAL B 5 6.59 -3.37 12.36
N GLU B 6 7.02 -4.15 13.34
CA GLU B 6 6.31 -4.30 14.61
C GLU B 6 6.92 -3.43 15.71
N THR B 7 6.05 -2.84 16.51
CA THR B 7 6.47 -2.03 17.64
C THR B 7 5.51 -2.31 18.80
N GLY B 8 5.84 -1.75 19.96
CA GLY B 8 4.92 -1.69 21.06
C GLY B 8 5.09 -2.76 22.12
N GLY B 9 6.01 -3.68 21.95
CA GLY B 9 6.15 -4.74 22.92
C GLY B 9 6.77 -4.23 24.20
N GLY B 10 7.12 -5.17 25.05
CA GLY B 10 7.83 -4.81 26.25
C GLY B 10 7.25 -5.54 27.44
N LEU B 11 7.51 -4.95 28.60
CA LEU B 11 7.23 -5.53 29.91
C LEU B 11 5.99 -4.88 30.50
N VAL B 12 5.09 -5.70 31.01
CA VAL B 12 3.87 -5.19 31.62
C VAL B 12 3.56 -6.05 32.83
N GLN B 13 2.93 -5.45 33.82
CA GLN B 13 2.46 -6.20 34.97
C GLN B 13 1.12 -6.86 34.65
N ALA B 14 0.86 -7.98 35.33
CA ALA B 14 -0.43 -8.65 35.20
C ALA B 14 -1.58 -7.67 35.43
N GLY B 15 -2.59 -7.74 34.58
CA GLY B 15 -3.67 -6.80 34.64
C GLY B 15 -3.44 -5.54 33.83
N GLY B 16 -2.26 -5.35 33.26
CA GLY B 16 -1.97 -4.16 32.49
C GLY B 16 -2.46 -4.23 31.05
N SER B 17 -2.11 -3.17 30.31
CA SER B 17 -2.46 -3.00 28.90
C SER B 17 -1.20 -2.73 28.07
N LEU B 18 -1.27 -3.15 26.81
CA LEU B 18 -0.29 -2.86 25.76
C LEU B 18 -1.04 -2.73 24.44
N ARG B 19 -0.52 -1.85 23.56
CA ARG B 19 -1.00 -1.73 22.18
C ARG B 19 0.19 -2.10 21.31
N LEU B 20 0.14 -3.27 20.67
CA LEU B 20 1.13 -3.67 19.69
C LEU B 20 0.80 -3.02 18.35
N SER B 21 1.83 -2.74 17.56
CA SER B 21 1.63 -2.12 16.25
C SER B 21 2.34 -2.92 15.17
N CYS B 22 1.76 -2.84 13.98
CA CYS B 22 2.25 -3.50 12.78
C CYS B 22 2.14 -2.49 11.64
N ALA B 23 3.22 -1.77 11.36
CA ALA B 23 3.22 -0.77 10.30
C ALA B 23 3.51 -1.42 8.95
N ALA B 24 2.70 -1.07 7.96
CA ALA B 24 2.92 -1.45 6.57
C ALA B 24 3.86 -0.43 5.97
N SER B 25 5.11 -0.82 5.74
CA SER B 25 6.15 0.14 5.35
C SER B 25 6.50 0.09 3.87
N GLY B 26 6.36 -1.05 3.22
CA GLY B 26 6.56 -1.06 1.78
C GLY B 26 5.41 -0.44 1.01
N ARG B 27 4.31 -1.16 0.83
CA ARG B 27 3.09 -0.62 0.27
C ARG B 27 2.07 -0.40 1.38
N THR B 28 0.82 -0.13 1.00
CA THR B 28 -0.23 0.04 1.99
C THR B 28 -0.79 -1.31 2.39
N PHE B 29 -1.66 -1.29 3.41
CA PHE B 29 -2.32 -2.53 3.80
C PHE B 29 -3.46 -2.90 2.86
N ALA B 30 -3.73 -2.10 1.83
CA ALA B 30 -4.88 -2.29 0.95
C ALA B 30 -4.98 -3.72 0.47
N GLY B 31 -6.17 -4.32 0.64
CA GLY B 31 -6.39 -5.63 0.07
C GLY B 31 -5.66 -6.78 0.74
N LEU B 32 -5.07 -6.56 1.92
CA LEU B 32 -4.36 -7.58 2.64
C LEU B 32 -5.15 -7.99 3.86
N SER B 33 -5.11 -9.29 4.15
CA SER B 33 -5.70 -9.89 5.33
C SER B 33 -4.63 -9.98 6.39
N VAL B 34 -4.93 -9.53 7.60
CA VAL B 34 -3.88 -9.33 8.60
C VAL B 34 -4.22 -10.05 9.90
N LYS B 35 -3.24 -10.77 10.42
CA LYS B 35 -3.37 -11.58 11.60
C LYS B 35 -2.25 -11.27 12.58
N TRP B 36 -2.52 -11.49 13.86
CA TRP B 36 -1.48 -11.57 14.86
C TRP B 36 -1.37 -13.01 15.29
N PHE B 37 -0.15 -13.49 15.41
CA PHE B 37 0.17 -14.76 16.04
C PHE B 37 1.06 -14.51 17.24
N ARG B 38 1.11 -15.50 18.13
CA ARG B 38 2.07 -15.43 19.22
C ARG B 38 2.68 -16.81 19.41
N GLN B 39 3.88 -16.80 19.98
CA GLN B 39 4.59 -18.02 20.31
C GLN B 39 4.99 -17.95 21.78
N PRO B 40 4.24 -18.61 22.66
CA PRO B 40 4.65 -18.71 24.07
C PRO B 40 5.95 -19.50 24.21
N PRO B 41 6.68 -19.32 25.32
CA PRO B 41 7.93 -20.06 25.52
C PRO B 41 7.79 -21.56 25.35
N GLY B 42 8.57 -22.11 24.42
CA GLY B 42 8.56 -23.53 24.10
C GLY B 42 7.18 -24.04 23.77
N ALA B 43 6.51 -23.46 22.77
CA ALA B 43 5.16 -23.83 22.39
C ALA B 43 5.01 -23.64 20.88
N GLU B 44 4.06 -24.35 20.29
CA GLU B 44 3.72 -24.04 18.91
C GLU B 44 3.33 -22.57 18.83
N ARG B 45 3.61 -21.98 17.67
CA ARG B 45 3.05 -20.67 17.38
C ARG B 45 1.53 -20.80 17.19
N GLU B 46 0.79 -19.94 17.88
CA GLU B 46 -0.66 -20.05 17.90
C GLU B 46 -1.28 -18.79 17.35
N TRP B 47 -2.49 -18.94 16.83
CA TRP B 47 -3.21 -17.83 16.22
C TRP B 47 -3.92 -17.01 17.32
N VAL B 48 -3.96 -15.68 17.12
CA VAL B 48 -4.46 -14.76 18.14
C VAL B 48 -5.66 -13.98 17.61
N ALA B 49 -5.44 -13.16 16.59
CA ALA B 49 -6.50 -12.30 16.06
C ALA B 49 -6.39 -12.21 14.55
N HIS B 50 -7.45 -11.67 13.96
CA HIS B 50 -7.59 -11.54 12.53
C HIS B 50 -8.46 -10.32 12.25
N ILE B 51 -7.98 -9.42 11.38
CA ILE B 51 -8.82 -8.40 10.77
C ILE B 51 -8.77 -8.60 9.25
N THR B 52 -9.94 -8.57 8.61
CA THR B 52 -9.95 -8.88 7.18
C THR B 52 -9.55 -7.67 6.35
N SER B 53 -9.40 -7.92 5.04
CA SER B 53 -8.81 -6.94 4.13
C SER B 53 -9.68 -5.70 4.00
N THR B 54 -11.00 -5.86 4.09
CA THR B 54 -11.89 -4.71 4.11
C THR B 54 -12.02 -4.10 5.50
N GLY B 55 -11.29 -4.61 6.49
CA GLY B 55 -11.34 -4.06 7.83
C GLY B 55 -12.67 -4.18 8.53
N SER B 56 -13.58 -5.02 8.04
CA SER B 56 -14.92 -5.03 8.59
C SER B 56 -15.27 -6.34 9.29
N SER B 57 -14.34 -7.28 9.42
CA SER B 57 -14.52 -8.41 10.30
C SER B 57 -13.31 -8.50 11.21
N THR B 58 -13.54 -9.01 12.41
CA THR B 58 -12.46 -9.39 13.31
C THR B 58 -12.76 -10.78 13.89
N HIS B 59 -11.69 -11.53 14.17
CA HIS B 59 -11.82 -12.84 14.76
C HIS B 59 -10.72 -13.04 15.79
N TYR B 60 -11.03 -13.77 16.84
CA TYR B 60 -10.11 -13.92 17.93
C TYR B 60 -10.06 -15.38 18.38
N ALA B 61 -8.91 -15.79 18.87
CA ALA B 61 -8.85 -17.09 19.51
C ALA B 61 -9.56 -17.00 20.86
N ASP B 62 -10.01 -18.14 21.37
CA ASP B 62 -10.83 -18.12 22.58
C ASP B 62 -10.04 -17.58 23.75
N SER B 63 -8.76 -17.93 23.84
CA SER B 63 -7.92 -17.47 24.92
C SER B 63 -7.81 -15.95 25.00
N VAL B 64 -8.08 -15.21 23.92
CA VAL B 64 -7.92 -13.75 23.98
C VAL B 64 -9.23 -13.01 23.77
N LYS B 65 -10.34 -13.70 23.47
CA LYS B 65 -11.59 -12.99 23.20
C LYS B 65 -12.08 -12.31 24.47
N GLY B 66 -12.56 -11.08 24.31
CA GLY B 66 -12.94 -10.24 25.41
C GLY B 66 -11.82 -9.40 25.98
N ARG B 67 -10.56 -9.82 25.84
CA ARG B 67 -9.45 -9.05 26.38
C ARG B 67 -8.64 -8.34 25.32
N PHE B 68 -8.51 -8.92 24.14
CA PHE B 68 -7.70 -8.36 23.06
C PHE B 68 -8.62 -7.74 22.03
N THR B 69 -8.11 -6.71 21.35
CA THR B 69 -8.81 -6.04 20.26
C THR B 69 -7.85 -5.85 19.11
N ILE B 70 -8.21 -6.36 17.93
CA ILE B 70 -7.50 -6.06 16.69
C ILE B 70 -8.26 -4.95 15.98
N SER B 71 -7.49 -4.04 15.36
CA SER B 71 -8.05 -2.89 14.67
C SER B 71 -7.01 -2.38 13.68
N ARG B 72 -7.44 -1.50 12.78
CA ARG B 72 -6.56 -0.90 11.81
C ARG B 72 -6.85 0.59 11.70
N ASP B 73 -5.78 1.37 11.58
CA ASP B 73 -5.87 2.78 11.19
C ASP B 73 -5.47 2.83 9.72
N TYR B 74 -6.48 2.84 8.82
CA TYR B 74 -6.18 2.63 7.41
C TYR B 74 -5.48 3.83 6.76
N ASP B 75 -5.87 5.05 7.12
CA ASP B 75 -5.20 6.22 6.57
C ASP B 75 -3.70 6.22 6.86
N ARG B 76 -3.26 5.52 7.90
CA ARG B 76 -1.89 5.60 8.39
C ARG B 76 -1.16 4.25 8.32
N ASN B 77 -1.72 3.27 7.59
CA ASN B 77 -1.01 2.02 7.31
C ASN B 77 -0.65 1.24 8.56
N MET B 78 -1.60 1.13 9.47
CA MET B 78 -1.33 0.58 10.79
C MET B 78 -2.34 -0.51 11.11
N VAL B 79 -1.87 -1.61 11.69
CA VAL B 79 -2.75 -2.59 12.32
C VAL B 79 -2.29 -2.75 13.76
N TYR B 80 -3.24 -2.71 14.69
CA TYR B 80 -2.95 -2.71 16.10
C TYR B 80 -3.48 -3.99 16.73
N LEU B 81 -2.82 -4.44 17.79
CA LEU B 81 -3.38 -5.41 18.73
C LEU B 81 -3.41 -4.74 20.11
N GLN B 82 -4.61 -4.40 20.55
CA GLN B 82 -4.85 -3.86 21.88
C GLN B 82 -5.03 -4.99 22.89
N MET B 83 -4.08 -5.15 23.80
CA MET B 83 -4.15 -6.19 24.83
C MET B 83 -4.43 -5.56 26.20
N SER B 84 -5.57 -5.90 26.81
CA SER B 84 -5.85 -5.50 28.19
C SER B 84 -6.05 -6.71 29.10
N SER B 85 -5.96 -6.45 30.40
CA SER B 85 -6.06 -7.52 31.39
C SER B 85 -5.07 -8.62 31.07
N LEU B 86 -3.84 -8.21 30.78
CA LEU B 86 -2.81 -9.17 30.40
C LEU B 86 -2.55 -10.11 31.56
N LYS B 87 -2.47 -11.39 31.27
CA LYS B 87 -2.08 -12.40 32.24
C LYS B 87 -0.66 -12.84 31.98
N PRO B 88 0.02 -13.46 32.96
CA PRO B 88 1.34 -14.02 32.68
C PRO B 88 1.34 -15.00 31.52
N GLU B 89 0.24 -15.73 31.32
CA GLU B 89 0.11 -16.66 30.20
C GLU B 89 0.19 -15.97 28.84
N ASP B 90 -0.07 -14.67 28.76
CA ASP B 90 0.09 -13.98 27.48
C ASP B 90 1.54 -13.70 27.11
N THR B 91 2.50 -13.98 28.01
CA THR B 91 3.91 -13.93 27.65
C THR B 91 4.18 -14.81 26.44
N ALA B 92 4.80 -14.19 25.41
CA ALA B 92 5.04 -14.82 24.11
C ALA B 92 5.78 -13.82 23.21
N VAL B 93 6.23 -14.32 22.07
CA VAL B 93 6.71 -13.46 21.00
C VAL B 93 5.54 -13.25 20.06
N TYR B 94 5.19 -12.00 19.80
CA TYR B 94 4.05 -11.67 18.97
C TYR B 94 4.47 -11.29 17.55
N TYR B 95 3.74 -11.81 16.58
CA TYR B 95 4.01 -11.63 15.16
C TYR B 95 2.76 -11.10 14.51
N CYS B 96 2.90 -10.09 13.65
CA CYS B 96 1.81 -9.79 12.74
C CYS B 96 2.16 -10.35 11.38
N HIS B 97 1.11 -10.59 10.61
CA HIS B 97 1.25 -11.33 9.36
C HIS B 97 0.24 -10.79 8.36
N ALA B 98 0.64 -10.69 7.11
CA ALA B 98 -0.29 -10.24 6.08
C ALA B 98 -0.31 -11.23 4.93
N SER B 99 -1.51 -11.37 4.38
CA SER B 99 -1.79 -12.24 3.25
C SER B 99 -2.35 -11.40 2.10
N THR B 100 -1.96 -11.70 0.88
CA THR B 100 -2.70 -11.17 -0.25
C THR B 100 -4.06 -11.87 -0.29
N LEU B 101 -4.80 -11.64 -1.36
CA LEU B 101 -6.12 -12.25 -1.47
C LEU B 101 -6.40 -12.50 -2.95
N TRP B 102 -6.97 -13.67 -3.26
CA TRP B 102 -7.38 -13.95 -4.62
C TRP B 102 -8.15 -12.76 -5.16
N PRO B 103 -7.99 -12.40 -6.44
CA PRO B 103 -7.24 -13.07 -7.50
C PRO B 103 -5.78 -12.65 -7.54
N GLU B 104 -5.33 -11.92 -6.53
CA GLU B 104 -3.91 -11.61 -6.45
C GLU B 104 -3.11 -12.90 -6.23
N LYS B 105 -1.89 -12.92 -6.74
CA LYS B 105 -0.97 -14.01 -6.41
C LYS B 105 -0.80 -14.09 -4.90
N HIS B 106 -0.87 -15.32 -4.35
CA HIS B 106 -0.71 -15.51 -2.93
C HIS B 106 0.73 -15.19 -2.51
N GLN B 107 0.86 -14.32 -1.51
CA GLN B 107 2.11 -14.10 -0.80
C GLN B 107 1.81 -13.94 0.67
N ASP B 108 2.75 -14.40 1.48
CA ASP B 108 2.74 -14.17 2.92
C ASP B 108 3.82 -13.14 3.26
N TYR B 109 3.47 -12.20 4.15
CA TYR B 109 4.41 -11.26 4.76
C TYR B 109 4.40 -11.42 6.28
N TRP B 110 5.56 -11.26 6.90
CA TRP B 110 5.70 -11.46 8.34
C TRP B 110 6.48 -10.31 8.97
N GLY B 111 5.97 -9.78 10.08
CA GLY B 111 6.75 -8.89 10.94
C GLY B 111 7.94 -9.61 11.55
N GLN B 112 8.76 -8.85 12.28
CA GLN B 112 9.95 -9.45 12.85
C GLN B 112 9.63 -10.26 14.10
N GLY B 113 8.71 -9.79 14.94
CA GLY B 113 8.42 -10.56 16.13
C GLY B 113 8.90 -9.84 17.38
N ILE B 114 7.99 -9.52 18.30
CA ILE B 114 8.36 -8.72 19.46
C ILE B 114 7.98 -9.45 20.74
N GLN B 115 8.79 -9.23 21.77
CA GLN B 115 8.60 -9.88 23.05
C GLN B 115 7.58 -9.14 23.89
N VAL B 116 6.69 -9.90 24.52
CA VAL B 116 5.78 -9.40 25.54
C VAL B 116 5.99 -10.31 26.75
N THR B 117 6.46 -9.71 27.84
CA THR B 117 6.65 -10.37 29.12
C THR B 117 5.63 -9.77 30.06
N VAL B 118 4.74 -10.61 30.60
CA VAL B 118 3.76 -10.18 31.58
C VAL B 118 4.16 -10.77 32.91
N SER B 119 4.32 -9.90 33.89
CA SER B 119 4.93 -10.24 35.17
C SER B 119 3.94 -9.99 36.29
N SER B 120 4.00 -10.83 37.32
CA SER B 120 3.13 -10.70 38.48
C SER B 120 3.95 -10.37 39.74
N TRP C 3 32.66 41.54 57.69
CA TRP C 3 31.63 41.92 56.73
C TRP C 3 30.75 40.72 56.35
N ASP C 4 29.54 40.68 56.93
CA ASP C 4 28.59 39.61 56.66
C ASP C 4 27.28 40.20 56.16
N LEU C 5 26.75 39.64 55.09
CA LEU C 5 25.42 39.95 54.58
C LEU C 5 24.47 38.78 54.87
N THR C 6 23.20 39.10 55.09
CA THR C 6 22.16 38.07 55.25
C THR C 6 21.31 38.00 53.99
N VAL C 7 21.03 36.77 53.54
CA VAL C 7 20.23 36.50 52.33
C VAL C 7 18.87 35.97 52.77
N LYS C 8 17.80 36.64 52.36
CA LYS C 8 16.44 36.32 52.75
C LYS C 8 15.71 35.65 51.60
N MET C 9 15.08 34.51 51.89
CA MET C 9 14.32 33.77 50.90
C MET C 9 12.84 33.79 51.27
N LEU C 10 12.01 33.30 50.35
CA LEU C 10 10.60 33.07 50.64
C LEU C 10 10.46 32.21 51.91
N ALA C 11 9.30 32.31 52.57
CA ALA C 11 8.99 31.60 53.82
C ALA C 11 9.90 32.02 54.97
N GLY C 12 10.67 33.09 54.82
CA GLY C 12 11.55 33.50 55.90
C GLY C 12 12.65 32.50 56.23
N ASN C 13 13.28 31.94 55.20
CA ASN C 13 14.48 31.14 55.38
C ASN C 13 15.67 32.02 55.04
N GLU C 14 16.61 32.15 55.98
CA GLU C 14 17.71 33.09 55.83
C GLU C 14 19.03 32.43 56.17
N PHE C 15 20.07 32.82 55.44
CA PHE C 15 21.42 32.38 55.71
C PHE C 15 22.34 33.58 55.50
N GLN C 16 23.57 33.46 55.98
CA GLN C 16 24.52 34.56 55.88
C GLN C 16 25.60 34.24 54.85
N VAL C 17 26.09 35.28 54.20
CA VAL C 17 27.24 35.16 53.33
C VAL C 17 28.28 36.14 53.87
N SER C 18 29.39 36.31 53.15
CA SER C 18 30.38 37.31 53.52
C SER C 18 31.08 37.80 52.26
N LEU C 19 31.64 39.01 52.35
CA LEU C 19 32.45 39.59 51.28
C LEU C 19 33.49 40.52 51.91
N SER C 20 34.38 41.04 51.06
CA SER C 20 35.44 41.94 51.54
C SER C 20 36.00 42.75 50.38
N SER C 21 36.38 44.00 50.70
CA SER C 21 37.12 44.93 49.83
C SER C 21 36.29 45.21 48.57
N SER C 22 36.79 44.95 47.37
CA SER C 22 35.98 45.06 46.16
C SER C 22 35.07 43.83 46.07
N MET C 23 33.78 44.05 46.33
CA MET C 23 32.76 43.03 46.41
C MET C 23 31.81 43.24 45.24
N SER C 24 31.72 42.26 44.36
CA SER C 24 30.89 42.40 43.17
C SER C 24 29.65 41.51 43.25
N VAL C 25 28.66 41.87 42.40
CA VAL C 25 27.42 41.10 42.35
C VAL C 25 27.70 39.66 41.97
N SER C 26 28.73 39.43 41.13
CA SER C 26 29.06 38.06 40.74
C SER C 26 29.67 37.30 41.91
N GLU C 27 30.65 37.90 42.58
CA GLU C 27 31.25 37.25 43.75
C GLU C 27 30.18 36.89 44.77
N LEU C 28 29.11 37.70 44.87
CA LEU C 28 28.06 37.43 45.84
C LEU C 28 27.14 36.29 45.41
N LYS C 29 26.75 36.24 44.13
CA LYS C 29 26.00 35.09 43.65
C LYS C 29 26.79 33.81 43.81
N ALA C 30 28.11 33.88 43.65
CA ALA C 30 28.93 32.68 43.83
C ALA C 30 28.90 32.21 45.27
N GLN C 31 28.91 33.16 46.22
CA GLN C 31 28.72 32.81 47.61
C GLN C 31 27.38 32.11 47.82
N ILE C 32 26.31 32.65 47.23
CA ILE C 32 25.03 31.98 47.30
C ILE C 32 25.12 30.57 46.73
N THR C 33 25.76 30.43 45.56
CA THR C 33 25.96 29.11 44.97
C THR C 33 26.62 28.15 45.95
N GLN C 34 27.56 28.64 46.75
CA GLN C 34 28.19 27.76 47.72
C GLN C 34 27.26 27.37 48.87
N LYS C 35 26.21 28.16 49.14
CA LYS C 35 25.34 27.88 50.27
C LYS C 35 24.09 27.06 49.90
N ILE C 36 23.60 27.13 48.67
CA ILE C 36 22.36 26.44 48.34
C ILE C 36 22.40 25.86 46.94
N GLY C 37 23.60 25.72 46.38
CA GLY C 37 23.79 25.08 45.10
C GLY C 37 22.82 25.47 43.99
N VAL C 38 22.67 26.77 43.74
CA VAL C 38 21.84 27.33 42.68
C VAL C 38 22.75 28.16 41.78
N HIS C 39 22.59 27.99 40.45
CA HIS C 39 23.45 28.71 39.51
C HIS C 39 23.20 30.19 39.60
N ALA C 40 24.26 30.97 39.37
CA ALA C 40 24.16 32.43 39.39
C ALA C 40 23.01 32.94 38.52
N PHE C 41 22.85 32.37 37.32
CA PHE C 41 21.81 32.84 36.41
C PHE C 41 20.40 32.59 36.93
N GLN C 42 20.23 31.76 37.94
CA GLN C 42 18.90 31.53 38.49
C GLN C 42 18.58 32.43 39.67
N GLN C 43 19.51 33.26 40.12
CA GLN C 43 19.32 34.07 41.31
C GLN C 43 18.79 35.44 40.92
N ARG C 44 17.56 35.73 41.30
CA ARG C 44 16.98 37.05 41.16
C ARG C 44 17.15 37.71 42.52
N LEU C 45 18.15 38.58 42.64
CA LEU C 45 18.38 39.30 43.90
C LEU C 45 17.71 40.68 43.86
N ALA C 46 17.41 41.21 45.04
CA ALA C 46 16.80 42.52 45.19
C ALA C 46 17.21 43.09 46.55
N VAL C 47 17.24 44.41 46.66
CA VAL C 47 17.64 45.04 47.93
C VAL C 47 16.55 44.84 48.98
N HIS C 48 16.96 44.54 50.21
CA HIS C 48 15.88 44.63 51.18
C HIS C 48 16.00 45.93 51.98
N PRO C 49 14.88 46.61 52.29
CA PRO C 49 13.48 46.22 52.09
C PRO C 49 12.75 46.92 50.94
N SER C 50 13.44 47.48 49.95
CA SER C 50 12.79 48.14 48.84
C SER C 50 12.47 47.22 47.66
N GLY C 51 12.94 45.98 47.66
CA GLY C 51 12.68 45.07 46.55
C GLY C 51 13.25 45.52 45.22
N VAL C 52 14.25 46.39 45.24
CA VAL C 52 14.85 46.98 44.04
C VAL C 52 15.95 46.05 43.52
N ALA C 53 15.81 45.58 42.27
CA ALA C 53 16.82 44.69 41.71
C ALA C 53 18.18 45.38 41.64
N LEU C 54 19.24 44.59 41.65
CA LEU C 54 20.58 45.10 41.86
C LEU C 54 21.21 45.55 40.56
N GLN C 55 22.15 46.50 40.68
CA GLN C 55 22.98 46.90 39.56
C GLN C 55 24.07 45.87 39.38
N ASP C 56 24.00 45.09 38.30
CA ASP C 56 24.96 44.01 38.09
C ASP C 56 26.38 44.53 38.05
N ARG C 57 26.58 45.71 37.47
CA ARG C 57 27.92 46.21 37.18
C ARG C 57 28.32 47.35 38.09
N VAL C 58 27.85 47.38 39.33
CA VAL C 58 28.38 48.34 40.30
C VAL C 58 28.58 47.66 41.63
N PRO C 59 29.45 48.20 42.50
CA PRO C 59 29.77 47.54 43.77
C PRO C 59 28.56 47.38 44.67
N LEU C 60 28.66 46.43 45.61
CA LEU C 60 27.57 46.20 46.56
C LEU C 60 27.39 47.38 47.51
N ALA C 61 28.48 47.94 48.03
CA ALA C 61 28.38 49.07 48.95
C ALA C 61 27.93 50.36 48.25
N SER C 62 27.85 50.37 46.92
CA SER C 62 27.36 51.52 46.17
C SER C 62 25.83 51.53 46.02
N GLN C 63 25.19 50.35 46.00
CA GLN C 63 23.73 50.25 45.96
C GLN C 63 23.14 50.00 47.35
N GLY C 64 23.69 50.68 48.36
CA GLY C 64 23.13 50.62 49.70
C GLY C 64 23.27 49.28 50.39
N LEU C 65 24.15 48.40 49.91
CA LEU C 65 24.36 47.09 50.52
C LEU C 65 25.64 47.16 51.37
N GLY C 66 25.48 47.73 52.56
CA GLY C 66 26.59 47.84 53.47
C GLY C 66 26.83 46.54 54.20
N PRO C 67 27.66 46.58 55.24
CA PRO C 67 27.83 45.40 56.10
C PRO C 67 26.59 45.19 56.96
N GLY C 68 26.09 43.96 56.99
CA GLY C 68 24.93 43.65 57.79
C GLY C 68 23.62 44.17 57.24
N SER C 69 23.47 44.19 55.92
CA SER C 69 22.21 44.51 55.27
C SER C 69 21.50 43.19 54.95
N THR C 70 20.42 43.27 54.19
CA THR C 70 19.70 42.08 53.77
C THR C 70 19.39 42.19 52.28
N VAL C 71 19.48 41.06 51.58
CA VAL C 71 19.13 40.96 50.16
C VAL C 71 18.05 39.88 50.02
N LEU C 72 16.99 40.20 49.28
CA LEU C 72 16.00 39.20 48.92
C LEU C 72 16.51 38.36 47.75
N LEU C 73 16.21 37.06 47.81
CA LEU C 73 16.68 36.09 46.82
C LEU C 73 15.48 35.28 46.36
N VAL C 74 15.07 35.48 45.11
CA VAL C 74 14.09 34.61 44.47
C VAL C 74 14.85 33.64 43.57
N VAL C 75 14.63 32.35 43.78
CA VAL C 75 15.30 31.30 43.02
C VAL C 75 14.35 30.88 41.90
N ASP C 76 14.76 31.12 40.66
CA ASP C 76 13.97 30.81 39.47
C ASP C 76 14.73 29.74 38.69
N LYS C 77 14.25 28.49 38.75
CA LYS C 77 15.00 27.38 38.17
C LYS C 77 15.25 27.58 36.67
N SER C 78 14.47 28.42 36.01
CA SER C 78 14.66 28.72 34.59
C SER C 78 14.62 27.42 33.77
N ASP C 79 13.48 26.78 33.85
CA ASP C 79 13.33 25.42 33.36
C ASP C 79 12.67 25.34 31.99
N GLU C 80 12.06 26.42 31.54
CA GLU C 80 11.21 26.36 30.36
C GLU C 80 12.05 26.08 29.12
N PRO C 81 11.66 25.13 28.29
CA PRO C 81 12.47 24.80 27.12
C PRO C 81 12.51 25.92 26.10
N LEU C 82 13.63 26.02 25.40
CA LEU C 82 13.76 26.95 24.28
C LEU C 82 14.45 26.24 23.15
N SER C 83 14.20 26.72 21.93
CA SER C 83 14.97 26.29 20.77
C SER C 83 16.19 27.18 20.60
N ILE C 84 17.37 26.57 20.55
CA ILE C 84 18.56 27.25 20.09
C ILE C 84 18.90 26.75 18.69
N LEU C 85 19.83 27.44 18.05
CA LEU C 85 20.33 27.09 16.74
C LEU C 85 21.74 26.55 16.92
N VAL C 86 22.06 25.45 16.24
CA VAL C 86 23.43 24.96 16.21
C VAL C 86 23.90 24.94 14.78
N ARG C 87 25.02 25.60 14.52
CA ARG C 87 25.67 25.61 13.21
C ARG C 87 26.87 24.68 13.28
N ASN C 88 26.82 23.60 12.51
CA ASN C 88 27.87 22.59 12.55
C ASN C 88 29.12 23.07 11.82
N ASN C 89 30.18 22.25 11.89
CA ASN C 89 31.47 22.61 11.33
C ASN C 89 31.45 22.71 9.81
N LYS C 90 30.41 22.18 9.16
CA LYS C 90 30.20 22.39 7.73
C LYS C 90 29.36 23.62 7.43
N GLY C 91 28.92 24.35 8.45
CA GLY C 91 28.24 25.60 8.26
C GLY C 91 26.73 25.52 8.10
N ARG C 92 26.12 24.36 8.35
CA ARG C 92 24.68 24.20 8.22
C ARG C 92 24.02 24.34 9.58
N SER C 93 22.85 24.96 9.62
CA SER C 93 22.14 25.28 10.85
C SER C 93 20.86 24.46 11.01
N SER C 94 20.51 24.20 12.26
CA SER C 94 19.25 23.52 12.61
C SER C 94 18.98 23.80 14.08
N THR C 95 17.73 23.63 14.48
CA THR C 95 17.37 24.02 15.83
C THR C 95 17.57 22.84 16.79
N TYR C 96 17.73 23.16 18.07
CA TYR C 96 17.79 22.17 19.13
C TYR C 96 16.97 22.67 20.31
N GLU C 97 16.10 21.83 20.84
CA GLU C 97 15.45 22.15 22.10
C GLU C 97 16.42 21.90 23.26
N VAL C 98 16.43 22.84 24.20
CA VAL C 98 17.32 22.79 25.35
C VAL C 98 16.59 23.38 26.55
N ARG C 99 17.15 23.15 27.72
CA ARG C 99 16.85 23.89 28.94
C ARG C 99 18.11 24.65 29.34
N LEU C 100 17.92 25.82 29.95
CA LEU C 100 19.09 26.58 30.41
C LEU C 100 19.81 25.90 31.54
N THR C 101 19.14 25.00 32.26
CA THR C 101 19.75 24.27 33.35
C THR C 101 20.56 23.07 32.90
N GLN C 102 20.52 22.70 31.62
CA GLN C 102 21.28 21.57 31.12
C GLN C 102 22.73 21.96 30.91
N THR C 103 23.61 20.96 31.02
CA THR C 103 25.02 21.26 30.81
C THR C 103 25.35 21.41 29.31
N VAL C 104 26.46 22.10 29.07
CA VAL C 104 27.04 22.14 27.74
C VAL C 104 27.37 20.73 27.26
N ALA C 105 27.86 19.87 28.16
CA ALA C 105 28.14 18.49 27.79
C ALA C 105 26.88 17.80 27.24
N HIS C 106 25.73 18.06 27.87
CA HIS C 106 24.46 17.53 27.38
C HIS C 106 24.17 18.04 25.97
N LEU C 107 24.35 19.35 25.74
CA LEU C 107 24.14 19.85 24.39
C LEU C 107 25.10 19.16 23.41
N LYS C 108 26.35 18.91 23.83
CA LYS C 108 27.27 18.19 22.97
C LYS C 108 26.81 16.76 22.72
N GLN C 109 26.07 16.16 23.67
CA GLN C 109 25.48 14.84 23.42
C GLN C 109 24.41 14.91 22.34
N GLN C 110 23.54 15.92 22.40
CA GLN C 110 22.54 16.09 21.35
C GLN C 110 23.21 16.30 20.00
N VAL C 111 24.22 17.17 19.95
CA VAL C 111 24.90 17.46 18.69
C VAL C 111 25.65 16.23 18.19
N SER C 112 26.41 15.59 19.08
CA SER C 112 27.08 14.35 18.72
C SER C 112 26.12 13.37 18.03
N GLY C 113 24.96 13.13 18.65
CA GLY C 113 24.04 12.12 18.13
C GLY C 113 23.57 12.43 16.72
N LEU C 114 23.19 13.69 16.49
CA LEU C 114 22.69 14.04 15.17
C LEU C 114 23.82 14.21 14.16
N GLU C 115 24.99 14.68 14.59
CA GLU C 115 26.11 14.97 13.71
C GLU C 115 27.03 13.77 13.48
N GLY C 116 26.95 12.72 14.29
CA GLY C 116 27.82 11.56 14.17
C GLY C 116 29.30 11.90 14.28
N VAL C 117 29.66 12.61 15.35
CA VAL C 117 31.04 12.91 15.69
C VAL C 117 31.18 12.74 17.20
N GLN C 118 32.21 12.01 17.65
CA GLN C 118 32.42 11.84 19.08
C GLN C 118 32.46 13.21 19.74
N ASP C 119 31.85 13.33 20.92
CA ASP C 119 31.74 14.65 21.54
C ASP C 119 33.10 15.20 21.97
N ASP C 120 34.09 14.34 22.16
CA ASP C 120 35.42 14.83 22.47
C ASP C 120 36.15 15.38 21.25
N LEU C 121 35.67 15.11 20.04
CA LEU C 121 36.27 15.59 18.80
C LEU C 121 35.72 16.93 18.32
N PHE C 122 35.03 17.69 19.17
CA PHE C 122 34.56 19.00 18.75
C PHE C 122 34.27 19.87 19.97
N TRP C 123 34.09 21.17 19.72
CA TRP C 123 33.84 22.15 20.77
C TRP C 123 32.83 23.17 20.26
N LEU C 124 32.33 24.00 21.18
CA LEU C 124 31.22 24.89 20.88
C LEU C 124 31.55 26.29 21.36
N THR C 125 31.11 27.29 20.61
CA THR C 125 31.20 28.67 21.03
C THR C 125 29.81 29.29 21.01
N PHE C 126 29.60 30.21 21.96
CA PHE C 126 28.49 31.16 21.92
C PHE C 126 29.10 32.55 21.91
N GLU C 127 28.77 33.33 20.90
CA GLU C 127 29.29 34.69 20.77
C GLU C 127 30.80 34.72 20.90
N GLY C 128 31.46 33.73 20.28
CA GLY C 128 32.91 33.62 20.34
C GLY C 128 33.47 33.25 21.69
N LYS C 129 32.62 32.81 22.62
CA LYS C 129 33.07 32.39 23.94
C LYS C 129 33.02 30.88 23.99
N PRO C 130 34.17 30.20 24.09
CA PRO C 130 34.18 28.73 24.18
C PRO C 130 33.37 28.22 25.36
N LEU C 131 32.38 27.37 25.06
CA LEU C 131 31.52 26.78 26.07
C LEU C 131 32.25 25.66 26.83
N GLU C 132 32.24 25.74 28.16
CA GLU C 132 32.80 24.71 29.02
C GLU C 132 31.76 23.64 29.35
N ASP C 133 32.16 22.37 29.23
CA ASP C 133 31.23 21.25 29.32
C ASP C 133 30.43 21.26 30.62
N GLN C 134 31.12 21.43 31.75
CA GLN C 134 30.48 21.27 33.05
C GLN C 134 29.44 22.35 33.36
N LEU C 135 29.49 23.59 32.67
CA LEU C 135 28.63 24.69 33.08
C LEU C 135 27.24 24.59 32.42
N PRO C 136 26.22 25.15 33.06
CA PRO C 136 24.89 25.14 32.46
C PRO C 136 24.79 26.13 31.32
N LEU C 137 24.00 25.78 30.31
CA LEU C 137 23.80 26.71 29.21
C LEU C 137 23.40 28.09 29.70
N GLY C 138 22.69 28.15 30.83
CA GLY C 138 22.17 29.42 31.31
C GLY C 138 23.23 30.41 31.74
N GLU C 139 24.41 29.93 32.12
CA GLU C 139 25.48 30.80 32.56
C GLU C 139 26.05 31.61 31.42
N TYR C 140 25.81 31.21 30.17
CA TYR C 140 26.26 31.93 28.99
C TYR C 140 25.21 32.87 28.44
N GLY C 141 24.05 32.93 29.06
CA GLY C 141 23.04 33.86 28.60
C GLY C 141 22.54 33.54 27.20
N LEU C 142 22.35 32.26 26.90
CA LEU C 142 21.68 31.87 25.66
C LEU C 142 20.20 32.25 25.76
N LYS C 143 19.66 32.72 24.65
CA LYS C 143 18.26 33.10 24.54
C LYS C 143 17.60 32.22 23.46
N PRO C 144 16.28 32.29 23.29
CA PRO C 144 15.66 31.63 22.14
C PRO C 144 16.32 31.98 20.81
N LEU C 145 16.67 30.95 20.05
CA LEU C 145 17.26 31.07 18.73
C LEU C 145 18.60 31.78 18.75
N SER C 146 19.30 31.77 19.89
CA SER C 146 20.73 32.06 19.85
C SER C 146 21.43 31.04 18.96
N THR C 147 22.62 31.38 18.47
CA THR C 147 23.35 30.45 17.62
C THR C 147 24.63 30.00 18.27
N VAL C 148 24.75 28.69 18.48
CA VAL C 148 25.95 28.04 18.99
C VAL C 148 26.73 27.51 17.80
N PHE C 149 28.00 27.89 17.70
CA PHE C 149 28.88 27.43 16.63
C PHE C 149 29.66 26.19 17.02
N MET C 150 29.81 25.29 16.05
CA MET C 150 30.52 24.02 16.17
C MET C 150 31.81 24.06 15.35
N ASN C 151 32.95 23.73 15.99
CA ASN C 151 34.23 23.52 15.31
C ASN C 151 34.89 22.23 15.78
N LEU C 152 35.49 21.50 14.84
CA LEU C 152 36.17 20.25 15.16
C LEU C 152 37.55 20.54 15.73
N ARG C 153 37.98 19.66 16.64
CA ARG C 153 39.33 19.72 17.19
C ARG C 153 40.36 19.41 16.11
N LEU C 154 41.49 20.10 16.14
CA LEU C 154 42.62 19.73 15.31
C LEU C 154 43.38 18.51 15.85
N ARG C 155 42.75 17.72 16.74
CA ARG C 155 43.38 16.54 17.34
C ARG C 155 43.58 15.41 16.31
N GLN D 1 10.61 0.01 25.64
CA GLN D 1 11.11 1.37 25.41
C GLN D 1 10.46 2.06 24.20
N LEU D 2 10.88 3.29 23.88
CA LEU D 2 10.29 4.02 22.76
C LEU D 2 10.84 3.54 21.43
N GLN D 3 9.92 3.21 20.50
CA GLN D 3 10.23 2.91 19.11
C GLN D 3 9.48 3.85 18.19
N LEU D 4 10.09 4.17 17.04
CA LEU D 4 9.48 4.99 16.00
C LEU D 4 9.33 4.15 14.73
N VAL D 5 8.20 4.33 14.06
CA VAL D 5 7.98 3.71 12.76
C VAL D 5 7.33 4.75 11.84
N GLU D 6 7.78 4.80 10.58
CA GLU D 6 7.26 5.71 9.57
C GLU D 6 6.31 5.00 8.62
N THR D 7 5.29 5.72 8.14
CA THR D 7 4.48 5.24 7.04
C THR D 7 4.15 6.38 6.08
N GLY D 8 3.65 5.98 4.92
CA GLY D 8 3.10 6.92 3.98
C GLY D 8 4.03 7.33 2.86
N GLY D 9 5.02 6.51 2.51
CA GLY D 9 5.97 6.86 1.47
C GLY D 9 5.45 6.68 0.06
N GLY D 10 6.30 6.16 -0.84
CA GLY D 10 5.86 5.78 -2.16
C GLY D 10 6.05 6.86 -3.23
N LEU D 11 5.93 6.40 -4.48
CA LEU D 11 6.03 7.28 -5.64
C LEU D 11 4.85 8.24 -5.67
N VAL D 12 5.16 9.54 -5.74
CA VAL D 12 4.19 10.59 -5.94
C VAL D 12 4.66 11.43 -7.12
N GLN D 13 3.72 12.14 -7.74
CA GLN D 13 4.02 12.96 -8.91
C GLN D 13 4.44 14.38 -8.49
N ALA D 14 5.27 15.00 -9.32
CA ALA D 14 5.72 16.36 -9.05
C ALA D 14 4.55 17.31 -8.94
N GLY D 15 4.61 18.20 -7.94
CA GLY D 15 3.55 19.16 -7.73
C GLY D 15 2.27 18.57 -7.22
N GLY D 16 2.35 17.48 -6.47
CA GLY D 16 1.28 17.01 -5.62
C GLY D 16 1.67 17.13 -4.16
N SER D 17 0.86 16.51 -3.31
CA SER D 17 1.18 16.52 -1.90
C SER D 17 1.17 15.10 -1.34
N LEU D 18 1.61 15.01 -0.10
CA LEU D 18 1.79 13.75 0.59
C LEU D 18 1.85 14.07 2.08
N ARG D 19 1.64 13.04 2.90
CA ARG D 19 1.84 13.16 4.34
C ARG D 19 2.61 11.93 4.82
N LEU D 20 3.64 12.17 5.62
CA LEU D 20 4.38 11.10 6.25
C LEU D 20 3.95 11.00 7.71
N SER D 21 3.98 9.79 8.23
CA SER D 21 3.53 9.52 9.59
C SER D 21 4.65 8.89 10.37
N CYS D 22 4.94 9.49 11.52
CA CYS D 22 5.91 8.98 12.47
C CYS D 22 5.12 8.60 13.71
N ALA D 23 5.04 7.30 14.00
CA ALA D 23 4.26 6.82 15.13
C ALA D 23 5.20 6.39 16.24
N ALA D 24 4.83 6.73 17.48
CA ALA D 24 5.58 6.36 18.67
C ALA D 24 4.91 5.18 19.37
N SER D 25 5.74 4.23 19.79
CA SER D 25 5.30 3.15 20.64
C SER D 25 6.05 3.23 21.95
N GLY D 26 5.40 2.77 23.03
CA GLY D 26 6.02 2.66 24.33
C GLY D 26 6.19 3.95 25.09
N ARG D 27 6.10 5.08 24.42
CA ARG D 27 6.16 6.37 25.08
C ARG D 27 5.24 7.32 24.34
N THR D 28 4.76 8.32 25.06
CA THR D 28 4.05 9.42 24.43
C THR D 28 5.05 10.38 23.77
N PHE D 29 4.66 10.89 22.59
CA PHE D 29 5.49 11.88 21.91
C PHE D 29 5.64 13.15 22.76
N ALA D 30 4.58 13.54 23.46
CA ALA D 30 4.64 14.72 24.31
C ALA D 30 5.80 14.67 25.30
N GLY D 31 6.65 15.69 25.28
CA GLY D 31 7.84 15.71 26.09
C GLY D 31 9.11 15.29 25.37
N LEU D 32 9.01 14.88 24.10
CA LEU D 32 10.15 14.60 23.24
C LEU D 32 10.25 15.64 22.14
N SER D 33 11.47 15.85 21.65
CA SER D 33 11.74 16.77 20.56
C SER D 33 11.92 15.99 19.26
N VAL D 34 11.06 16.27 18.27
CA VAL D 34 10.85 15.42 17.10
C VAL D 34 11.29 16.16 15.84
N LYS D 35 12.09 15.49 15.02
CA LYS D 35 12.61 16.05 13.77
C LYS D 35 12.40 15.08 12.62
N TRP D 36 12.19 15.63 11.45
CA TRP D 36 12.30 14.86 10.22
C TRP D 36 13.63 15.19 9.57
N PHE D 37 14.28 14.17 9.00
CA PHE D 37 15.46 14.30 8.16
C PHE D 37 15.17 13.63 6.83
N ARG D 38 16.05 13.85 5.86
CA ARG D 38 15.93 13.15 4.60
C ARG D 38 17.31 12.95 4.02
N GLN D 39 17.49 11.81 3.35
CA GLN D 39 18.72 11.54 2.61
C GLN D 39 18.42 11.46 1.11
N PRO D 40 18.76 12.49 0.34
CA PRO D 40 18.68 12.40 -1.12
C PRO D 40 19.57 11.30 -1.65
N PRO D 41 19.31 10.80 -2.86
CA PRO D 41 20.17 9.78 -3.47
C PRO D 41 21.58 10.31 -3.68
N GLY D 42 22.55 9.62 -3.07
CA GLY D 42 23.96 9.92 -3.22
C GLY D 42 24.34 11.26 -2.65
N ALA D 43 23.86 11.54 -1.43
CA ALA D 43 24.10 12.82 -0.79
C ALA D 43 24.02 12.62 0.71
N GLU D 44 24.44 13.65 1.45
CA GLU D 44 24.35 13.58 2.89
C GLU D 44 22.91 13.72 3.36
N ARG D 45 22.61 13.11 4.49
CA ARG D 45 21.37 13.37 5.17
C ARG D 45 21.26 14.85 5.48
N GLU D 46 20.04 15.34 5.66
CA GLU D 46 19.85 16.77 5.91
C GLU D 46 18.62 16.96 6.78
N TRP D 47 18.70 17.93 7.67
CA TRP D 47 17.58 18.24 8.56
C TRP D 47 16.49 18.97 7.79
N VAL D 48 15.25 18.53 7.89
CA VAL D 48 14.15 19.17 7.18
C VAL D 48 13.17 19.88 8.12
N ALA D 49 12.72 19.24 9.18
CA ALA D 49 11.76 19.90 10.06
C ALA D 49 12.02 19.54 11.50
N HIS D 50 11.36 20.30 12.38
CA HIS D 50 11.51 20.16 13.81
C HIS D 50 10.27 20.71 14.50
N ILE D 51 9.76 19.95 15.47
CA ILE D 51 8.66 20.38 16.33
C ILE D 51 9.10 20.19 17.78
N THR D 52 8.72 21.10 18.67
CA THR D 52 9.21 21.05 20.04
C THR D 52 8.31 20.20 20.92
N SER D 53 8.87 19.82 22.08
CA SER D 53 8.24 18.83 22.96
C SER D 53 6.88 19.29 23.47
N THR D 54 6.70 20.59 23.68
CA THR D 54 5.42 21.19 24.05
C THR D 54 4.45 21.28 22.88
N GLY D 55 4.89 20.92 21.67
CA GLY D 55 4.08 21.08 20.48
C GLY D 55 3.97 22.51 19.98
N SER D 56 4.70 23.45 20.57
CA SER D 56 4.44 24.87 20.38
C SER D 56 5.29 25.51 19.26
N SER D 57 6.60 25.38 19.29
CA SER D 57 7.42 25.94 18.22
C SER D 57 7.51 24.98 17.03
N THR D 58 7.96 25.53 15.90
CA THR D 58 8.04 24.78 14.66
C THR D 58 9.17 25.36 13.84
N HIS D 59 10.06 24.50 13.32
CA HIS D 59 11.26 24.98 12.63
C HIS D 59 11.52 24.13 11.39
N TYR D 60 11.89 24.79 10.29
CA TYR D 60 12.04 24.15 9.00
C TYR D 60 13.35 24.56 8.33
N ALA D 61 13.97 23.63 7.62
CA ALA D 61 15.06 23.97 6.71
C ALA D 61 14.53 24.84 5.56
N ASP D 62 15.40 25.70 5.02
CA ASP D 62 14.95 26.67 4.02
C ASP D 62 14.49 26.01 2.73
N SER D 63 15.14 24.90 2.36
CA SER D 63 14.73 24.10 1.21
C SER D 63 13.30 23.54 1.31
N VAL D 64 12.63 23.62 2.47
CA VAL D 64 11.26 23.11 2.58
C VAL D 64 10.31 24.15 3.20
N LYS D 65 10.87 25.26 3.70
CA LYS D 65 10.06 26.28 4.33
C LYS D 65 8.98 26.75 3.38
N GLY D 66 7.73 26.67 3.84
CA GLY D 66 6.59 27.06 3.01
C GLY D 66 5.82 25.87 2.47
N ARG D 67 6.52 24.81 2.10
CA ARG D 67 5.93 23.60 1.51
C ARG D 67 5.64 22.52 2.55
N PHE D 68 6.56 22.30 3.49
CA PHE D 68 6.43 21.21 4.44
C PHE D 68 5.86 21.73 5.76
N THR D 69 4.94 20.97 6.35
CA THR D 69 4.47 21.23 7.70
C THR D 69 4.80 20.04 8.60
N ILE D 70 5.31 20.33 9.79
CA ILE D 70 5.49 19.31 10.82
C ILE D 70 4.43 19.56 11.88
N SER D 71 3.85 18.47 12.40
CA SER D 71 2.67 18.59 13.24
C SER D 71 2.56 17.38 14.16
N ARG D 72 1.96 17.59 15.34
CA ARG D 72 1.72 16.50 16.29
C ARG D 72 0.23 16.13 16.32
N ASP D 73 -0.05 14.82 16.34
CA ASP D 73 -1.39 14.27 16.55
C ASP D 73 -1.46 13.71 17.97
N TYR D 74 -2.02 14.50 18.88
CA TYR D 74 -2.05 14.12 20.29
C TYR D 74 -2.93 12.90 20.56
N ASP D 75 -3.89 12.60 19.69
CA ASP D 75 -4.75 11.46 19.93
C ASP D 75 -4.10 10.14 19.52
N ARG D 76 -3.39 10.11 18.40
CA ARG D 76 -2.82 8.86 17.90
C ARG D 76 -1.36 8.66 18.27
N ASN D 77 -0.77 9.56 19.05
CA ASN D 77 0.66 9.52 19.34
C ASN D 77 1.47 9.58 18.04
N MET D 78 1.26 10.65 17.27
CA MET D 78 1.96 10.71 15.99
C MET D 78 2.52 12.11 15.72
N VAL D 79 3.44 12.14 14.77
CA VAL D 79 4.01 13.37 14.26
C VAL D 79 4.03 13.24 12.74
N TYR D 80 3.37 14.17 12.07
CA TYR D 80 3.29 14.14 10.61
C TYR D 80 4.28 15.13 10.02
N LEU D 81 4.79 14.78 8.83
CA LEU D 81 5.40 15.70 7.90
C LEU D 81 4.51 15.76 6.68
N GLN D 82 3.71 16.79 6.57
CA GLN D 82 2.89 17.05 5.38
C GLN D 82 3.76 17.72 4.30
N MET D 83 4.04 16.99 3.22
CA MET D 83 4.84 17.48 2.11
C MET D 83 3.92 17.90 0.96
N SER D 84 3.97 19.18 0.60
CA SER D 84 3.20 19.70 -0.52
C SER D 84 4.11 20.27 -1.58
N SER D 85 3.55 20.48 -2.77
CA SER D 85 4.26 21.12 -3.89
C SER D 85 5.54 20.38 -4.25
N LEU D 86 5.49 19.05 -4.21
CA LEU D 86 6.68 18.22 -4.24
C LEU D 86 7.56 18.45 -5.47
N LYS D 87 8.70 19.10 -5.28
CA LYS D 87 9.70 19.14 -6.34
C LYS D 87 10.40 17.79 -6.41
N PRO D 88 10.83 17.36 -7.61
CA PRO D 88 11.48 16.04 -7.70
C PRO D 88 12.77 15.95 -6.88
N GLU D 89 13.35 17.08 -6.48
CA GLU D 89 14.51 17.11 -5.59
C GLU D 89 14.13 16.89 -4.14
N ASP D 90 12.87 16.59 -3.87
CA ASP D 90 12.42 16.06 -2.59
C ASP D 90 12.51 14.53 -2.54
N THR D 91 13.08 13.91 -3.57
CA THR D 91 13.28 12.46 -3.56
C THR D 91 14.33 12.10 -2.53
N ALA D 92 13.95 11.28 -1.56
CA ALA D 92 14.83 11.00 -0.43
C ALA D 92 14.17 9.92 0.40
N VAL D 93 15.00 9.25 1.20
CA VAL D 93 14.53 8.38 2.27
C VAL D 93 14.32 9.27 3.49
N TYR D 94 13.08 9.39 3.93
CA TYR D 94 12.75 10.31 5.01
C TYR D 94 12.74 9.57 6.35
N TYR D 95 13.44 10.13 7.33
CA TYR D 95 13.56 9.55 8.66
C TYR D 95 12.99 10.53 9.68
N CYS D 96 12.21 10.01 10.63
CA CYS D 96 11.91 10.85 11.77
C CYS D 96 12.80 10.46 12.93
N HIS D 97 12.91 11.39 13.87
CA HIS D 97 13.90 11.40 14.93
C HIS D 97 13.26 11.95 16.18
N ALA D 98 13.50 11.27 17.30
CA ALA D 98 13.03 11.72 18.58
C ALA D 98 14.23 11.93 19.50
N SER D 99 14.16 12.98 20.29
CA SER D 99 15.21 13.31 21.22
C SER D 99 14.60 13.51 22.60
N THR D 100 15.33 13.08 23.61
CA THR D 100 14.89 13.41 24.94
C THR D 100 15.35 14.82 25.29
N LEU D 101 14.83 15.34 26.38
CA LEU D 101 15.14 16.69 26.81
C LEU D 101 15.56 16.64 28.27
N TRP D 102 16.69 17.32 28.60
CA TRP D 102 17.26 17.33 29.95
C TRP D 102 16.12 17.75 30.88
N PRO D 103 16.06 17.25 32.13
CA PRO D 103 17.02 16.42 32.89
C PRO D 103 17.12 14.95 32.46
N GLU D 104 16.26 14.43 31.57
CA GLU D 104 16.44 13.06 31.12
C GLU D 104 17.80 12.87 30.47
N LYS D 105 18.41 11.71 30.72
CA LYS D 105 19.56 11.24 29.95
C LYS D 105 19.32 11.51 28.47
N HIS D 106 20.31 12.08 27.78
CA HIS D 106 20.12 12.27 26.35
C HIS D 106 20.04 10.92 25.65
N GLN D 107 19.07 10.80 24.74
CA GLN D 107 18.93 9.61 23.91
C GLN D 107 18.35 10.01 22.57
N ASP D 108 18.87 9.39 21.51
CA ASP D 108 18.34 9.54 20.16
C ASP D 108 17.53 8.30 19.80
N TYR D 109 16.41 8.53 19.10
CA TYR D 109 15.54 7.45 18.63
C TYR D 109 15.26 7.68 17.14
N TRP D 110 15.35 6.63 16.34
CA TRP D 110 15.21 6.80 14.91
C TRP D 110 14.14 5.87 14.35
N GLY D 111 13.54 6.31 13.26
CA GLY D 111 12.72 5.43 12.46
C GLY D 111 13.55 4.68 11.44
N GLN D 112 12.89 3.76 10.75
CA GLN D 112 13.54 2.92 9.77
C GLN D 112 13.76 3.62 8.45
N GLY D 113 13.15 4.79 8.23
CA GLY D 113 13.19 5.44 6.93
C GLY D 113 12.18 4.91 5.94
N ILE D 114 11.55 5.78 5.17
CA ILE D 114 10.66 5.38 4.10
C ILE D 114 11.03 6.18 2.85
N GLN D 115 10.94 5.53 1.70
CA GLN D 115 11.26 6.16 0.42
C GLN D 115 10.13 7.05 -0.05
N VAL D 116 10.49 8.23 -0.55
CA VAL D 116 9.60 9.10 -1.30
C VAL D 116 10.31 9.39 -2.62
N THR D 117 9.81 8.81 -3.72
CA THR D 117 10.30 9.11 -5.06
C THR D 117 9.29 10.01 -5.75
N VAL D 118 9.78 11.10 -6.34
CA VAL D 118 8.94 12.13 -6.97
C VAL D 118 9.39 12.29 -8.42
N SER D 119 8.60 11.76 -9.36
CA SER D 119 8.90 11.89 -10.78
C SER D 119 8.14 13.07 -11.37
N SER D 120 8.46 13.41 -12.62
CA SER D 120 7.73 14.50 -13.28
C SER D 120 7.22 14.11 -14.66
N TRP E 3 -23.17 20.64 -2.46
CA TRP E 3 -22.04 19.75 -2.15
C TRP E 3 -20.96 19.90 -3.23
N ASP E 4 -20.34 21.09 -3.30
CA ASP E 4 -19.28 21.31 -4.27
C ASP E 4 -17.96 20.77 -3.77
N LEU E 5 -17.27 20.05 -4.63
CA LEU E 5 -15.96 19.48 -4.35
C LEU E 5 -14.95 20.06 -5.33
N THR E 6 -13.79 20.49 -4.81
CA THR E 6 -12.73 20.93 -5.69
C THR E 6 -11.82 19.75 -6.04
N VAL E 7 -11.62 19.56 -7.35
CA VAL E 7 -10.66 18.60 -7.89
C VAL E 7 -9.44 19.40 -8.31
N LYS E 8 -8.28 19.10 -7.72
CA LYS E 8 -7.03 19.75 -8.06
C LYS E 8 -6.21 18.79 -8.92
N MET E 9 -5.58 19.32 -9.97
CA MET E 9 -4.78 18.51 -10.86
C MET E 9 -3.31 18.84 -10.69
N LEU E 10 -2.46 17.88 -11.06
CA LEU E 10 -1.02 17.96 -10.77
C LEU E 10 -0.40 19.30 -11.16
N ALA E 11 -0.86 19.89 -12.27
CA ALA E 11 -0.30 21.15 -12.76
C ALA E 11 -0.77 22.38 -12.00
N GLY E 12 -1.68 22.23 -11.03
CA GLY E 12 -2.21 23.37 -10.32
C GLY E 12 -3.59 23.79 -10.77
N ASN E 13 -4.08 23.25 -11.89
CA ASN E 13 -5.41 23.55 -12.34
C ASN E 13 -6.44 22.95 -11.38
N GLU E 14 -7.63 23.57 -11.36
CA GLU E 14 -8.70 23.15 -10.46
C GLU E 14 -10.03 23.32 -11.15
N PHE E 15 -10.92 22.36 -10.96
CA PHE E 15 -12.31 22.53 -11.33
C PHE E 15 -13.16 22.12 -10.16
N GLN E 16 -14.46 22.36 -10.28
CA GLN E 16 -15.40 21.98 -9.24
C GLN E 16 -16.39 20.97 -9.78
N VAL E 17 -16.91 20.11 -8.89
CA VAL E 17 -17.99 19.19 -9.20
C VAL E 17 -19.00 19.23 -8.05
N SER E 18 -20.11 18.52 -8.23
CA SER E 18 -21.19 18.54 -7.25
C SER E 18 -21.57 17.12 -6.86
N LEU E 19 -21.97 16.96 -5.61
CA LEU E 19 -22.12 15.64 -4.98
C LEU E 19 -23.28 15.67 -3.99
N SER E 20 -23.31 14.68 -3.08
CA SER E 20 -24.39 14.55 -2.10
C SER E 20 -23.99 13.65 -0.94
N MET E 23 -23.37 9.85 -4.76
CA MET E 23 -22.46 10.32 -3.72
C MET E 23 -21.43 9.24 -3.41
N SER E 24 -21.22 8.35 -4.38
CA SER E 24 -20.16 7.37 -4.28
C SER E 24 -18.86 7.95 -4.83
N VAL E 25 -17.78 7.17 -4.72
CA VAL E 25 -16.54 7.49 -5.42
C VAL E 25 -16.77 7.43 -6.92
N SER E 26 -17.67 6.56 -7.38
CA SER E 26 -17.99 6.50 -8.80
C SER E 26 -18.85 7.68 -9.26
N GLU E 27 -19.76 8.20 -8.40
CA GLU E 27 -20.48 9.42 -8.79
C GLU E 27 -19.49 10.57 -8.96
N LEU E 28 -18.50 10.65 -8.08
CA LEU E 28 -17.47 11.66 -8.24
C LEU E 28 -16.69 11.46 -9.54
N LYS E 29 -16.37 10.20 -9.89
CA LYS E 29 -15.64 9.95 -11.12
C LYS E 29 -16.48 10.26 -12.35
N ALA E 30 -17.80 10.04 -12.26
CA ALA E 30 -18.68 10.39 -13.37
C ALA E 30 -18.69 11.91 -13.60
N GLN E 31 -18.71 12.69 -12.52
CA GLN E 31 -18.57 14.13 -12.64
C GLN E 31 -17.25 14.51 -13.26
N ILE E 32 -16.18 13.83 -12.85
CA ILE E 32 -14.87 14.17 -13.38
C ILE E 32 -14.77 13.80 -14.86
N THR E 33 -15.43 12.72 -15.27
CA THR E 33 -15.55 12.44 -16.70
C THR E 33 -16.31 13.57 -17.41
N GLN E 34 -17.38 14.07 -16.81
CA GLN E 34 -18.11 15.19 -17.41
C GLN E 34 -17.19 16.40 -17.66
N LYS E 35 -16.31 16.72 -16.72
CA LYS E 35 -15.56 17.95 -16.84
C LYS E 35 -14.30 17.82 -17.69
N ILE E 36 -13.63 16.67 -17.73
CA ILE E 36 -12.38 16.59 -18.48
C ILE E 36 -12.27 15.29 -19.31
N GLY E 37 -13.37 14.55 -19.41
CA GLY E 37 -13.46 13.43 -20.36
C GLY E 37 -12.50 12.28 -20.15
N VAL E 38 -12.05 12.06 -18.93
CA VAL E 38 -11.22 10.92 -18.57
C VAL E 38 -12.12 9.81 -18.09
N HIS E 39 -11.88 8.58 -18.57
CA HIS E 39 -12.67 7.47 -18.04
C HIS E 39 -12.39 7.25 -16.57
N ALA E 40 -13.41 6.77 -15.87
CA ALA E 40 -13.29 6.47 -14.45
C ALA E 40 -12.08 5.58 -14.19
N PHE E 41 -11.86 4.57 -15.04
CA PHE E 41 -10.74 3.67 -14.78
C PHE E 41 -9.40 4.31 -15.01
N GLN E 42 -9.35 5.53 -15.55
CA GLN E 42 -8.09 6.26 -15.69
C GLN E 42 -7.90 7.30 -14.61
N GLN E 43 -8.81 7.39 -13.63
CA GLN E 43 -8.70 8.37 -12.55
C GLN E 43 -8.08 7.76 -11.30
N ARG E 44 -7.03 8.40 -10.81
CA ARG E 44 -6.39 8.08 -9.54
C ARG E 44 -6.72 9.24 -8.57
N LEU E 45 -7.62 8.98 -7.62
CA LEU E 45 -8.10 10.02 -6.71
C LEU E 45 -7.51 9.83 -5.33
N ALA E 46 -7.14 10.96 -4.70
CA ALA E 46 -6.57 10.94 -3.37
C ALA E 46 -7.02 12.19 -2.63
N VAL E 47 -7.20 12.06 -1.30
CA VAL E 47 -7.59 13.18 -0.46
C VAL E 47 -6.48 14.23 -0.46
N HIS E 48 -6.86 15.48 -0.66
CA HIS E 48 -5.87 16.52 -0.46
C HIS E 48 -6.05 17.12 0.92
N PRO E 49 -4.96 17.41 1.64
CA PRO E 49 -3.55 17.29 1.24
C PRO E 49 -2.84 16.00 1.71
N SER E 50 -3.47 15.14 2.51
CA SER E 50 -2.76 13.99 3.05
C SER E 50 -2.19 13.12 1.94
N GLY E 51 -2.90 12.99 0.84
CA GLY E 51 -2.45 12.17 -0.24
C GLY E 51 -2.94 10.74 -0.22
N VAL E 52 -3.70 10.35 0.81
CA VAL E 52 -4.15 8.95 0.88
C VAL E 52 -5.20 8.69 -0.19
N ALA E 53 -5.11 7.51 -0.80
CA ALA E 53 -6.02 7.15 -1.88
C ALA E 53 -7.45 7.05 -1.38
N LEU E 54 -8.38 7.43 -2.23
CA LEU E 54 -9.79 7.23 -1.94
C LEU E 54 -10.10 5.75 -1.96
N GLN E 55 -11.03 5.34 -1.12
CA GLN E 55 -11.45 3.94 -1.04
C GLN E 55 -12.73 3.79 -1.83
N ASP E 56 -12.75 2.79 -2.72
CA ASP E 56 -13.78 2.77 -3.77
C ASP E 56 -15.15 2.40 -3.21
N ARG E 57 -15.22 1.47 -2.26
CA ARG E 57 -16.52 1.05 -1.74
C ARG E 57 -16.92 1.81 -0.48
N VAL E 58 -16.60 3.09 -0.37
CA VAL E 58 -16.94 3.86 0.84
C VAL E 58 -17.55 5.20 0.44
N PRO E 59 -18.64 5.62 1.09
CA PRO E 59 -19.21 6.94 0.82
C PRO E 59 -18.22 8.06 1.08
N LEU E 60 -18.32 9.11 0.26
CA LEU E 60 -17.36 10.21 0.35
C LEU E 60 -17.43 10.91 1.70
N ALA E 61 -18.63 11.05 2.25
CA ALA E 61 -18.74 11.65 3.59
C ALA E 61 -18.11 10.76 4.66
N SER E 62 -18.01 9.46 4.42
CA SER E 62 -17.33 8.54 5.31
C SER E 62 -15.80 8.52 5.12
N GLN E 63 -15.27 9.23 4.11
CA GLN E 63 -13.84 9.27 3.85
C GLN E 63 -13.21 10.60 4.20
N GLY E 64 -13.97 11.53 4.77
CA GLY E 64 -13.48 12.86 5.06
C GLY E 64 -13.79 13.88 3.98
N LEU E 65 -14.50 13.48 2.94
CA LEU E 65 -14.88 14.37 1.84
C LEU E 65 -16.25 14.95 2.16
N GLY E 66 -16.28 16.21 2.56
CA GLY E 66 -17.52 16.90 2.74
C GLY E 66 -17.59 18.10 1.82
N PRO E 67 -18.60 18.95 2.00
CA PRO E 67 -18.56 20.27 1.36
C PRO E 67 -17.22 20.96 1.64
N GLY E 68 -16.72 21.65 0.62
CA GLY E 68 -15.46 22.36 0.77
C GLY E 68 -14.24 21.47 0.92
N SER E 69 -14.29 20.26 0.34
CA SER E 69 -13.14 19.36 0.36
C SER E 69 -12.38 19.46 -0.96
N THR E 70 -11.25 18.76 -1.02
CA THR E 70 -10.43 18.79 -2.21
C THR E 70 -9.79 17.43 -2.43
N VAL E 71 -9.96 16.89 -3.63
CA VAL E 71 -9.32 15.63 -4.02
C VAL E 71 -8.31 15.94 -5.11
N LEU E 72 -7.08 15.47 -4.93
CA LEU E 72 -6.10 15.51 -6.01
C LEU E 72 -6.44 14.40 -7.00
N LEU E 73 -6.41 14.76 -8.29
CA LEU E 73 -6.68 13.83 -9.36
C LEU E 73 -5.42 13.65 -10.19
N VAL E 74 -5.01 12.41 -10.41
CA VAL E 74 -3.94 12.07 -11.31
C VAL E 74 -4.56 11.21 -12.40
N VAL E 75 -4.26 11.53 -13.65
CA VAL E 75 -4.77 10.75 -14.77
C VAL E 75 -3.73 9.72 -15.15
N ASP E 76 -4.12 8.48 -15.21
CA ASP E 76 -3.35 7.42 -15.85
C ASP E 76 -4.12 7.02 -17.10
N LYS E 77 -3.81 7.70 -18.21
CA LYS E 77 -4.25 7.22 -19.52
C LYS E 77 -3.70 5.81 -19.63
N SER E 78 -4.54 4.81 -19.39
CA SER E 78 -4.01 3.46 -19.16
C SER E 78 -4.02 2.66 -20.45
N ASP E 79 -3.26 3.15 -21.43
CA ASP E 79 -3.39 2.68 -22.79
C ASP E 79 -2.23 1.80 -23.22
N GLU E 80 -1.38 1.39 -22.29
CA GLU E 80 -0.35 0.44 -22.67
C GLU E 80 -0.99 -0.87 -23.16
N PRO E 81 -0.60 -1.40 -24.31
CA PRO E 81 -1.32 -2.56 -24.87
C PRO E 81 -1.18 -3.82 -24.01
N LEU E 82 -2.21 -4.65 -24.07
CA LEU E 82 -2.21 -5.95 -23.40
C LEU E 82 -2.91 -6.98 -24.28
N SER E 83 -2.61 -8.25 -24.05
CA SER E 83 -3.29 -9.35 -24.72
C SER E 83 -4.40 -9.90 -23.84
N ILE E 84 -5.56 -10.14 -24.43
CA ILE E 84 -6.65 -10.82 -23.76
C ILE E 84 -6.99 -12.06 -24.56
N LEU E 85 -7.88 -12.87 -24.01
CA LEU E 85 -8.36 -14.06 -24.70
C LEU E 85 -9.80 -13.83 -25.13
N VAL E 86 -10.11 -14.26 -26.34
CA VAL E 86 -11.47 -14.35 -26.84
C VAL E 86 -11.76 -15.81 -27.12
N ARG E 87 -12.76 -16.34 -26.44
CA ARG E 87 -13.30 -17.64 -26.78
C ARG E 87 -14.42 -17.42 -27.80
N ASN E 88 -14.27 -17.97 -28.99
CA ASN E 88 -15.32 -17.69 -29.96
C ASN E 88 -16.54 -18.55 -29.66
N ASN E 89 -17.56 -18.40 -30.50
CA ASN E 89 -18.82 -19.11 -30.28
C ASN E 89 -18.66 -20.63 -30.37
N LYS E 90 -17.57 -21.13 -30.96
CA LYS E 90 -17.39 -22.57 -31.13
C LYS E 90 -16.48 -23.17 -30.06
N GLY E 91 -16.15 -22.40 -29.02
CA GLY E 91 -15.40 -22.91 -27.90
C GLY E 91 -13.89 -22.81 -28.03
N ARG E 92 -13.37 -22.19 -29.08
CA ARG E 92 -11.92 -22.11 -29.25
C ARG E 92 -11.41 -20.73 -28.86
N SER E 93 -10.27 -20.68 -28.19
CA SER E 93 -9.74 -19.45 -27.63
C SER E 93 -8.45 -19.05 -28.33
N SER E 94 -8.24 -17.75 -28.47
CA SER E 94 -6.99 -17.19 -28.97
C SER E 94 -6.78 -15.80 -28.41
N THR E 95 -5.54 -15.35 -28.42
CA THR E 95 -5.22 -14.06 -27.83
C THR E 95 -5.51 -12.92 -28.79
N TYR E 96 -5.77 -11.73 -28.22
CA TYR E 96 -6.02 -10.51 -28.97
C TYR E 96 -5.31 -9.36 -28.27
N GLU E 97 -4.50 -8.60 -29.03
CA GLU E 97 -3.87 -7.42 -28.46
C GLU E 97 -4.86 -6.26 -28.45
N VAL E 98 -4.95 -5.55 -27.34
CA VAL E 98 -5.92 -4.48 -27.20
C VAL E 98 -5.31 -3.41 -26.30
N ARG E 99 -5.99 -2.27 -26.23
CA ARG E 99 -5.78 -1.25 -25.21
C ARG E 99 -7.07 -1.14 -24.41
N LEU E 100 -6.95 -0.77 -23.13
CA LEU E 100 -8.15 -0.60 -22.30
C LEU E 100 -8.96 0.62 -22.71
N THR E 101 -8.33 1.58 -23.37
CA THR E 101 -9.00 2.76 -23.89
C THR E 101 -9.83 2.48 -25.13
N GLN E 102 -9.74 1.29 -25.72
CA GLN E 102 -10.53 1.06 -26.91
C GLN E 102 -11.93 0.60 -26.53
N THR E 103 -12.86 0.72 -27.47
CA THR E 103 -14.24 0.37 -27.17
C THR E 103 -14.49 -1.14 -27.33
N VAL E 104 -15.64 -1.58 -26.81
CA VAL E 104 -16.12 -2.91 -27.12
C VAL E 104 -16.40 -3.02 -28.61
N ALA E 105 -16.92 -1.94 -29.19
CA ALA E 105 -17.16 -1.89 -30.62
C ALA E 105 -15.89 -2.23 -31.39
N HIS E 106 -14.75 -1.66 -30.97
CA HIS E 106 -13.50 -1.96 -31.68
C HIS E 106 -13.12 -3.44 -31.51
N LEU E 107 -13.14 -3.94 -30.27
CA LEU E 107 -12.83 -5.34 -30.08
C LEU E 107 -13.74 -6.21 -30.93
N LYS E 108 -15.01 -5.82 -31.06
CA LYS E 108 -15.94 -6.57 -31.90
C LYS E 108 -15.47 -6.57 -33.34
N GLN E 109 -14.84 -5.47 -33.77
CA GLN E 109 -14.32 -5.41 -35.13
C GLN E 109 -13.13 -6.33 -35.31
N GLN E 110 -12.30 -6.45 -34.28
CA GLN E 110 -11.22 -7.43 -34.36
C GLN E 110 -11.77 -8.83 -34.53
N VAL E 111 -12.73 -9.22 -33.68
CA VAL E 111 -13.27 -10.57 -33.69
C VAL E 111 -14.04 -10.79 -34.99
N SER E 112 -14.75 -9.77 -35.46
CA SER E 112 -15.47 -9.91 -36.71
C SER E 112 -14.53 -10.27 -37.86
N GLY E 113 -13.36 -9.62 -37.93
CA GLY E 113 -12.44 -9.87 -39.03
C GLY E 113 -11.88 -11.26 -38.99
N LEU E 114 -11.52 -11.74 -37.80
CA LEU E 114 -10.96 -13.07 -37.68
C LEU E 114 -12.02 -14.14 -37.60
N GLU E 115 -13.26 -13.81 -37.24
CA GLU E 115 -14.29 -14.83 -37.18
C GLU E 115 -15.17 -14.86 -38.40
N GLY E 116 -15.17 -13.81 -39.22
CA GLY E 116 -15.98 -13.81 -40.41
C GLY E 116 -17.46 -13.73 -40.16
N VAL E 117 -17.88 -13.15 -39.04
CA VAL E 117 -19.29 -12.89 -38.74
C VAL E 117 -19.46 -11.39 -38.57
N GLN E 118 -20.52 -10.83 -39.17
CA GLN E 118 -20.80 -9.41 -39.02
C GLN E 118 -20.95 -9.06 -37.54
N ASP E 119 -20.38 -7.93 -37.14
CA ASP E 119 -20.26 -7.65 -35.72
C ASP E 119 -21.61 -7.38 -35.05
N ASP E 120 -22.67 -7.12 -35.80
CA ASP E 120 -23.97 -7.06 -35.15
C ASP E 120 -24.67 -8.41 -35.07
N LEU E 121 -24.08 -9.46 -35.62
CA LEU E 121 -24.58 -10.84 -35.52
C LEU E 121 -24.02 -11.58 -34.31
N PHE E 122 -23.27 -10.94 -33.43
CA PHE E 122 -22.77 -11.62 -32.25
C PHE E 122 -22.58 -10.60 -31.15
N TRP E 123 -22.29 -11.11 -29.93
CA TRP E 123 -22.09 -10.25 -28.77
C TRP E 123 -21.06 -10.89 -27.84
N LEU E 124 -20.60 -10.09 -26.87
CA LEU E 124 -19.50 -10.46 -26.00
C LEU E 124 -19.86 -10.29 -24.54
N THR E 125 -19.29 -11.16 -23.71
CA THR E 125 -19.43 -11.07 -22.26
C THR E 125 -18.06 -11.29 -21.60
N PHE E 126 -17.87 -10.63 -20.46
CA PHE E 126 -16.71 -10.83 -19.61
C PHE E 126 -17.22 -11.15 -18.22
N GLU E 127 -16.89 -12.33 -17.72
CA GLU E 127 -17.44 -12.81 -16.44
C GLU E 127 -18.96 -12.70 -16.39
N GLY E 128 -19.60 -12.97 -17.53
CA GLY E 128 -21.05 -12.99 -17.59
C GLY E 128 -21.68 -11.62 -17.69
N LYS E 129 -20.86 -10.57 -17.69
CA LYS E 129 -21.30 -9.19 -17.88
C LYS E 129 -21.41 -8.94 -19.38
N PRO E 130 -22.59 -8.62 -19.93
CA PRO E 130 -22.66 -8.19 -21.34
C PRO E 130 -21.81 -6.94 -21.58
N LEU E 131 -21.15 -6.88 -22.74
CA LEU E 131 -20.28 -5.74 -23.03
C LEU E 131 -20.98 -4.77 -23.99
N GLU E 132 -21.06 -3.51 -23.57
CA GLU E 132 -21.69 -2.47 -24.37
C GLU E 132 -20.72 -1.89 -25.38
N ASP E 133 -21.19 -1.76 -26.63
CA ASP E 133 -20.33 -1.37 -27.75
C ASP E 133 -19.61 -0.06 -27.48
N GLN E 134 -20.30 0.91 -26.89
CA GLN E 134 -19.77 2.26 -26.77
C GLN E 134 -18.84 2.47 -25.59
N LEU E 135 -18.68 1.46 -24.68
CA LEU E 135 -17.83 1.55 -23.50
C LEU E 135 -16.42 1.02 -23.77
N PRO E 136 -15.42 1.54 -23.06
CA PRO E 136 -14.05 1.02 -23.22
C PRO E 136 -13.80 -0.20 -22.34
N LEU E 137 -12.89 -1.05 -22.82
CA LEU E 137 -12.59 -2.29 -22.11
C LEU E 137 -12.20 -2.02 -20.67
N GLY E 138 -11.44 -0.93 -20.43
CA GLY E 138 -11.00 -0.65 -19.07
C GLY E 138 -12.13 -0.53 -18.08
N GLU E 139 -13.31 -0.06 -18.53
CA GLU E 139 -14.44 0.04 -17.62
C GLU E 139 -14.97 -1.32 -17.23
N TYR E 140 -14.50 -2.39 -17.84
CA TYR E 140 -14.89 -3.71 -17.42
C TYR E 140 -13.79 -4.37 -16.61
N GLY E 141 -12.71 -3.64 -16.33
CA GLY E 141 -11.60 -4.16 -15.57
C GLY E 141 -10.97 -5.42 -16.16
N LEU E 142 -10.85 -5.48 -17.50
CA LEU E 142 -10.08 -6.53 -18.16
C LEU E 142 -8.60 -6.42 -17.77
N LYS E 143 -7.96 -7.57 -17.66
CA LYS E 143 -6.59 -7.74 -17.23
C LYS E 143 -5.86 -8.52 -18.32
N PRO E 144 -4.51 -8.48 -18.34
CA PRO E 144 -3.78 -9.41 -19.22
C PRO E 144 -4.28 -10.85 -19.10
N LEU E 145 -4.71 -11.39 -20.24
CA LEU E 145 -5.22 -12.75 -20.39
C LEU E 145 -6.61 -12.96 -19.79
N SER E 146 -7.42 -11.91 -19.60
CA SER E 146 -8.83 -12.15 -19.33
C SER E 146 -9.48 -12.79 -20.53
N THR E 147 -10.56 -13.55 -20.30
CA THR E 147 -11.26 -14.19 -21.40
C THR E 147 -12.61 -13.49 -21.60
N VAL E 148 -12.84 -13.07 -22.84
CA VAL E 148 -14.12 -12.55 -23.30
C VAL E 148 -14.78 -13.66 -24.10
N PHE E 149 -16.06 -13.89 -23.87
CA PHE E 149 -16.79 -15.01 -24.46
C PHE E 149 -17.68 -14.48 -25.56
N MET E 150 -17.59 -15.13 -26.72
CA MET E 150 -18.38 -14.75 -27.88
C MET E 150 -19.62 -15.63 -28.02
N ASN E 151 -20.75 -15.01 -28.34
CA ASN E 151 -21.98 -15.72 -28.60
C ASN E 151 -22.69 -15.11 -29.81
N LEU E 152 -23.27 -15.96 -30.65
CA LEU E 152 -23.96 -15.48 -31.83
C LEU E 152 -25.36 -15.00 -31.46
N ARG E 153 -25.79 -13.92 -32.13
CA ARG E 153 -27.14 -13.40 -31.93
C ARG E 153 -28.15 -14.48 -32.28
N LEU E 154 -29.17 -14.62 -31.44
CA LEU E 154 -30.31 -15.47 -31.78
C LEU E 154 -31.20 -14.73 -32.79
N ARG E 155 -31.29 -15.27 -34.00
CA ARG E 155 -32.30 -14.91 -35.01
C ARG E 155 -32.70 -13.42 -35.05
N GLN F 1 -0.56 0.43 -50.23
CA GLN F 1 -1.02 -0.14 -48.96
C GLN F 1 -0.13 -1.36 -48.61
N LEU F 2 -0.39 -1.99 -47.46
CA LEU F 2 0.41 -3.12 -47.00
C LEU F 2 -0.02 -4.41 -47.68
N GLN F 3 0.97 -5.23 -48.03
CA GLN F 3 0.76 -6.60 -48.48
C GLN F 3 1.68 -7.53 -47.68
N LEU F 4 1.16 -8.71 -47.33
CA LEU F 4 1.91 -9.73 -46.60
C LEU F 4 2.25 -10.88 -47.53
N VAL F 5 3.49 -11.36 -47.43
CA VAL F 5 4.02 -12.38 -48.33
C VAL F 5 4.66 -13.48 -47.47
N GLU F 6 4.01 -14.64 -47.37
CA GLU F 6 4.67 -15.75 -46.71
C GLU F 6 5.68 -16.40 -47.65
N THR F 7 6.78 -16.89 -47.08
CA THR F 7 7.69 -17.79 -47.78
C THR F 7 8.17 -18.86 -46.78
N GLY F 8 8.78 -19.91 -47.32
CA GLY F 8 9.43 -20.91 -46.49
C GLY F 8 8.69 -22.21 -46.29
N GLY F 9 7.59 -22.44 -46.98
CA GLY F 9 6.82 -23.64 -46.83
C GLY F 9 7.49 -24.83 -47.50
N GLY F 10 6.77 -25.94 -47.49
CA GLY F 10 7.20 -27.05 -48.30
C GLY F 10 7.07 -28.35 -47.57
N LEU F 11 7.88 -29.30 -48.03
CA LEU F 11 7.82 -30.69 -47.62
C LEU F 11 8.90 -30.96 -46.58
N VAL F 12 8.55 -31.67 -45.51
CA VAL F 12 9.51 -31.97 -44.46
C VAL F 12 9.12 -33.28 -43.80
N GLN F 13 10.11 -34.05 -43.38
CA GLN F 13 9.86 -35.33 -42.70
C GLN F 13 9.38 -35.11 -41.28
N ALA F 14 8.63 -36.07 -40.76
CA ALA F 14 8.19 -36.00 -39.38
C ALA F 14 9.41 -35.88 -38.48
N GLY F 15 9.24 -35.15 -37.38
CA GLY F 15 10.32 -34.88 -36.47
C GLY F 15 11.26 -33.79 -36.91
N GLY F 16 11.22 -33.41 -38.20
CA GLY F 16 12.09 -32.38 -38.72
C GLY F 16 11.62 -30.97 -38.38
N SER F 17 12.28 -30.00 -39.01
CA SER F 17 12.07 -28.59 -38.73
C SER F 17 11.85 -27.81 -40.01
N LEU F 18 11.17 -26.68 -39.86
CA LEU F 18 10.83 -25.81 -40.99
C LEU F 18 10.58 -24.41 -40.44
N ARG F 19 10.84 -23.39 -41.27
CA ARG F 19 10.76 -22.01 -40.81
C ARG F 19 10.06 -21.17 -41.88
N LEU F 20 8.90 -20.62 -41.53
CA LEU F 20 8.11 -19.75 -42.41
C LEU F 20 8.40 -18.30 -42.09
N SER F 21 8.48 -17.48 -43.12
CA SER F 21 8.69 -16.05 -43.00
C SER F 21 7.43 -15.34 -43.47
N CYS F 22 7.22 -14.14 -42.94
CA CYS F 22 6.11 -13.28 -43.36
C CYS F 22 6.64 -11.87 -43.44
N ALA F 23 6.78 -11.35 -44.66
CA ALA F 23 7.37 -10.05 -44.92
C ALA F 23 6.27 -9.01 -45.09
N ALA F 24 6.44 -7.88 -44.41
CA ALA F 24 5.62 -6.71 -44.66
C ALA F 24 6.18 -6.00 -45.88
N SER F 25 5.33 -5.72 -46.86
CA SER F 25 5.78 -5.04 -48.06
C SER F 25 4.87 -3.87 -48.37
N GLY F 26 5.48 -2.75 -48.73
CA GLY F 26 4.76 -1.51 -48.94
C GLY F 26 4.66 -0.75 -47.63
N ARG F 27 4.47 -1.49 -46.53
CA ARG F 27 4.50 -0.92 -45.19
C ARG F 27 5.44 -1.80 -44.35
N THR F 28 5.54 -1.54 -43.05
CA THR F 28 6.30 -2.35 -42.11
C THR F 28 5.39 -2.81 -41.00
N PHE F 29 5.86 -3.79 -40.23
CA PHE F 29 5.06 -4.31 -39.14
C PHE F 29 4.96 -3.36 -37.96
N ALA F 30 5.53 -2.16 -38.07
CA ALA F 30 5.45 -1.22 -36.95
C ALA F 30 4.00 -1.05 -36.50
N GLY F 31 3.74 -1.40 -35.24
CA GLY F 31 2.43 -1.18 -34.63
C GLY F 31 1.34 -2.14 -35.02
N LEU F 32 1.70 -3.28 -35.63
CA LEU F 32 0.75 -4.30 -36.05
C LEU F 32 0.88 -5.52 -35.15
N SER F 33 -0.27 -6.15 -34.87
CA SER F 33 -0.36 -7.38 -34.10
C SER F 33 -0.41 -8.54 -35.08
N VAL F 34 0.56 -9.44 -35.00
CA VAL F 34 0.84 -10.38 -36.06
C VAL F 34 0.60 -11.80 -35.56
N LYS F 35 -0.09 -12.61 -36.35
CA LYS F 35 -0.48 -13.95 -35.99
C LYS F 35 -0.16 -14.93 -37.12
N TRP F 36 0.08 -16.18 -36.73
CA TRP F 36 0.11 -17.28 -37.67
C TRP F 36 -1.14 -18.13 -37.46
N PHE F 37 -1.85 -18.39 -38.55
CA PHE F 37 -2.97 -19.32 -38.61
C PHE F 37 -2.59 -20.53 -39.47
N ARG F 38 -3.31 -21.64 -39.30
CA ARG F 38 -3.15 -22.77 -40.22
C ARG F 38 -4.50 -23.42 -40.47
N GLN F 39 -4.64 -24.00 -41.65
CA GLN F 39 -5.84 -24.73 -42.04
C GLN F 39 -5.46 -26.14 -42.43
N PRO F 40 -5.67 -27.13 -41.55
CA PRO F 40 -5.38 -28.51 -41.91
C PRO F 40 -6.35 -28.96 -43.00
N PRO F 41 -5.98 -29.97 -43.79
CA PRO F 41 -6.89 -30.46 -44.82
C PRO F 41 -8.23 -30.83 -44.21
N GLY F 42 -9.31 -30.32 -44.81
CA GLY F 42 -10.66 -30.67 -44.41
C GLY F 42 -11.19 -29.95 -43.18
N ALA F 43 -10.33 -29.26 -42.42
CA ALA F 43 -10.64 -28.70 -41.11
C ALA F 43 -10.88 -27.20 -41.20
N GLU F 44 -11.38 -26.64 -40.10
CA GLU F 44 -11.55 -25.19 -40.02
C GLU F 44 -10.20 -24.54 -39.81
N ARG F 45 -10.05 -23.32 -40.34
CA ARG F 45 -8.86 -22.54 -40.02
C ARG F 45 -8.70 -22.44 -38.51
N GLU F 46 -7.45 -22.38 -38.04
CA GLU F 46 -7.25 -22.34 -36.60
C GLU F 46 -6.03 -21.51 -36.28
N TRP F 47 -6.04 -20.95 -35.09
CA TRP F 47 -4.98 -20.05 -34.64
C TRP F 47 -3.75 -20.84 -34.19
N VAL F 48 -2.57 -20.37 -34.57
CA VAL F 48 -1.31 -21.02 -34.23
C VAL F 48 -0.52 -20.23 -33.21
N ALA F 49 -0.30 -18.94 -33.47
CA ALA F 49 0.64 -18.17 -32.67
C ALA F 49 0.35 -16.68 -32.80
N HIS F 50 0.91 -15.91 -31.87
CA HIS F 50 0.63 -14.49 -31.79
C HIS F 50 1.86 -13.76 -31.25
N ILE F 51 2.32 -12.73 -31.97
CA ILE F 51 3.31 -11.80 -31.44
C ILE F 51 2.68 -10.41 -31.41
N THR F 52 2.81 -9.73 -30.27
CA THR F 52 2.13 -8.44 -30.14
C THR F 52 2.94 -7.35 -30.82
N SER F 53 2.28 -6.22 -31.08
CA SER F 53 2.86 -5.13 -31.86
C SER F 53 4.17 -4.61 -31.29
N THR F 54 4.44 -4.82 -30.01
CA THR F 54 5.69 -4.37 -29.40
C THR F 54 6.76 -5.45 -29.41
N GLY F 55 6.44 -6.67 -29.83
CA GLY F 55 7.36 -7.78 -29.69
C GLY F 55 7.48 -8.34 -28.28
N SER F 56 6.88 -7.68 -27.28
CA SER F 56 7.03 -8.13 -25.90
C SER F 56 6.37 -9.49 -25.69
N SER F 57 5.07 -9.62 -25.94
CA SER F 57 4.33 -10.84 -25.69
C SER F 57 4.33 -11.78 -26.88
N THR F 58 4.36 -13.09 -26.59
CA THR F 58 4.07 -14.12 -27.58
C THR F 58 3.08 -15.12 -26.96
N HIS F 59 2.22 -15.69 -27.80
CA HIS F 59 1.16 -16.60 -27.37
C HIS F 59 1.03 -17.74 -28.37
N TYR F 60 0.69 -18.92 -27.86
CA TYR F 60 0.66 -20.09 -28.70
C TYR F 60 -0.57 -20.94 -28.40
N ALA F 61 -1.10 -21.53 -29.48
CA ALA F 61 -2.08 -22.61 -29.36
C ALA F 61 -1.50 -23.79 -28.57
N ASP F 62 -2.37 -24.45 -27.79
CA ASP F 62 -1.98 -25.61 -27.00
C ASP F 62 -1.25 -26.64 -27.86
N SER F 63 -1.72 -26.84 -29.11
CA SER F 63 -1.26 -27.94 -29.94
C SER F 63 0.14 -27.75 -30.47
N VAL F 64 0.69 -26.54 -30.43
CA VAL F 64 2.06 -26.29 -30.87
C VAL F 64 2.93 -25.71 -29.78
N LYS F 65 2.36 -25.36 -28.62
CA LYS F 65 3.14 -24.82 -27.52
C LYS F 65 4.38 -25.66 -27.29
N GLY F 66 5.53 -24.99 -27.23
CA GLY F 66 6.78 -25.67 -26.98
C GLY F 66 7.47 -26.21 -28.21
N ARG F 67 6.76 -26.33 -29.34
CA ARG F 67 7.38 -26.77 -30.58
C ARG F 67 7.60 -25.64 -31.59
N PHE F 68 6.83 -24.56 -31.49
CA PHE F 68 6.79 -23.50 -32.47
C PHE F 68 7.25 -22.21 -31.83
N THR F 69 8.01 -21.40 -32.56
CA THR F 69 8.41 -20.10 -32.06
C THR F 69 8.01 -19.04 -33.06
N ILE F 70 7.27 -18.06 -32.62
CA ILE F 70 7.02 -16.86 -33.39
C ILE F 70 8.01 -15.80 -32.95
N SER F 71 8.48 -15.00 -33.89
CA SER F 71 9.58 -14.08 -33.61
C SER F 71 9.55 -12.97 -34.63
N ARG F 72 10.03 -11.81 -34.22
CA ARG F 72 9.96 -10.64 -35.07
C ARG F 72 11.38 -10.16 -35.31
N ASP F 73 11.65 -9.65 -36.50
CA ASP F 73 12.86 -8.89 -36.76
C ASP F 73 12.37 -7.58 -37.36
N TYR F 74 12.30 -6.54 -36.53
CA TYR F 74 11.71 -5.27 -36.93
C TYR F 74 12.65 -4.46 -37.80
N ASP F 75 13.96 -4.75 -37.73
CA ASP F 75 14.94 -4.08 -38.59
C ASP F 75 14.85 -4.52 -40.03
N ARG F 76 14.07 -5.56 -40.33
CA ARG F 76 13.78 -6.01 -41.69
C ARG F 76 12.29 -6.27 -41.90
N ASN F 77 11.44 -5.77 -41.00
CA ASN F 77 10.00 -6.05 -40.95
C ASN F 77 9.68 -7.46 -41.44
N MET F 78 10.14 -8.44 -40.67
CA MET F 78 9.87 -9.84 -40.90
C MET F 78 9.32 -10.44 -39.61
N VAL F 79 8.33 -11.32 -39.74
CA VAL F 79 7.80 -12.12 -38.64
C VAL F 79 7.98 -13.58 -39.03
N TYR F 80 8.72 -14.33 -38.23
CA TYR F 80 9.03 -15.71 -38.56
C TYR F 80 8.21 -16.67 -37.69
N LEU F 81 8.10 -17.89 -38.17
CA LEU F 81 7.49 -18.99 -37.42
C LEU F 81 8.42 -20.19 -37.53
N GLN F 82 9.12 -20.48 -36.44
CA GLN F 82 10.00 -21.64 -36.38
C GLN F 82 9.19 -22.85 -35.94
N MET F 83 9.41 -23.96 -36.64
CA MET F 83 8.62 -25.17 -36.44
C MET F 83 9.58 -26.32 -36.22
N SER F 84 9.37 -27.06 -35.14
CA SER F 84 10.23 -28.21 -34.86
C SER F 84 9.41 -29.32 -34.24
N SER F 85 9.96 -30.54 -34.30
CA SER F 85 9.24 -31.75 -33.96
C SER F 85 7.92 -31.79 -34.72
N LEU F 86 8.02 -31.57 -36.03
CA LEU F 86 6.83 -31.53 -36.87
C LEU F 86 6.21 -32.91 -36.97
N LYS F 87 4.94 -33.00 -36.59
CA LYS F 87 4.11 -34.19 -36.70
C LYS F 87 3.31 -34.12 -37.99
N PRO F 88 2.76 -35.24 -38.46
CA PRO F 88 1.98 -35.20 -39.71
C PRO F 88 0.69 -34.41 -39.60
N GLU F 89 0.19 -34.14 -38.40
CA GLU F 89 -0.97 -33.28 -38.23
C GLU F 89 -0.59 -31.82 -38.21
N ASP F 90 0.68 -31.50 -38.41
CA ASP F 90 1.06 -30.14 -38.70
C ASP F 90 0.87 -29.77 -40.16
N THR F 91 0.51 -30.71 -41.02
CA THR F 91 0.28 -30.43 -42.42
C THR F 91 -0.95 -29.54 -42.57
N ALA F 92 -0.75 -28.37 -43.16
CA ALA F 92 -1.81 -27.38 -43.30
C ALA F 92 -1.35 -26.32 -44.30
N VAL F 93 -2.26 -25.44 -44.67
CA VAL F 93 -1.90 -24.18 -45.31
C VAL F 93 -1.71 -23.14 -44.21
N TYR F 94 -0.52 -22.54 -44.13
CA TYR F 94 -0.24 -21.57 -43.10
C TYR F 94 -0.39 -20.15 -43.65
N TYR F 95 -0.98 -19.29 -42.82
CA TYR F 95 -1.25 -17.89 -43.13
C TYR F 95 -0.71 -17.01 -42.03
N CYS F 96 -0.05 -15.91 -42.41
CA CYS F 96 0.19 -14.88 -41.43
C CYS F 96 -0.89 -13.82 -41.62
N HIS F 97 -1.18 -13.12 -40.52
CA HIS F 97 -2.24 -12.14 -40.46
C HIS F 97 -1.74 -11.02 -39.57
N ALA F 98 -2.12 -9.79 -39.91
CA ALA F 98 -1.70 -8.63 -39.16
C ALA F 98 -2.93 -7.77 -38.94
N SER F 99 -2.90 -7.02 -37.84
CA SER F 99 -4.05 -6.28 -37.34
C SER F 99 -3.56 -4.93 -36.86
N THR F 100 -4.28 -3.87 -37.23
CA THR F 100 -4.01 -2.59 -36.60
C THR F 100 -4.42 -2.64 -35.12
N LEU F 101 -4.01 -1.64 -34.39
CA LEU F 101 -4.31 -1.55 -32.98
C LEU F 101 -4.94 -0.20 -32.74
N TRP F 102 -5.98 -0.18 -31.92
CA TRP F 102 -6.56 1.08 -31.49
C TRP F 102 -5.47 1.96 -30.90
N PRO F 103 -5.48 3.28 -31.14
CA PRO F 103 -6.55 4.05 -31.80
C PRO F 103 -6.51 4.11 -33.35
N GLU F 104 -5.68 3.35 -34.06
CA GLU F 104 -5.89 3.25 -35.50
C GLU F 104 -7.24 2.61 -35.76
N LYS F 105 -7.87 3.00 -36.87
CA LYS F 105 -9.02 2.25 -37.40
C LYS F 105 -8.67 0.77 -37.50
N HIS F 106 -9.57 -0.11 -37.07
CA HIS F 106 -9.29 -1.54 -37.21
C HIS F 106 -9.15 -1.91 -38.69
N GLN F 107 -8.16 -2.75 -39.00
CA GLN F 107 -7.97 -3.28 -40.34
C GLN F 107 -7.17 -4.59 -40.27
N ASP F 108 -7.60 -5.58 -41.06
CA ASP F 108 -6.95 -6.89 -41.11
C ASP F 108 -6.14 -7.02 -42.40
N TYR F 109 -5.00 -7.72 -42.32
CA TYR F 109 -4.11 -7.96 -43.44
C TYR F 109 -3.74 -9.44 -43.48
N TRP F 110 -3.76 -10.02 -44.68
CA TRP F 110 -3.61 -11.47 -44.84
C TRP F 110 -2.50 -11.80 -45.83
N GLY F 111 -1.75 -12.86 -45.54
CA GLY F 111 -0.84 -13.42 -46.51
C GLY F 111 -1.53 -14.37 -47.48
N GLN F 112 -0.80 -14.81 -48.50
CA GLN F 112 -1.40 -15.70 -49.49
C GLN F 112 -1.63 -17.11 -48.93
N GLY F 113 -0.87 -17.53 -47.92
CA GLY F 113 -0.99 -18.88 -47.40
C GLY F 113 -0.13 -19.84 -48.17
N ILE F 114 0.61 -20.71 -47.46
CA ILE F 114 1.58 -21.61 -48.09
C ILE F 114 1.45 -23.01 -47.52
N GLN F 115 1.58 -24.00 -48.40
CA GLN F 115 1.49 -25.39 -47.99
C GLN F 115 2.72 -25.83 -47.20
N VAL F 116 2.46 -26.42 -46.04
CA VAL F 116 3.46 -27.18 -45.29
C VAL F 116 2.95 -28.62 -45.23
N THR F 117 3.78 -29.57 -45.62
CA THR F 117 3.42 -30.99 -45.67
C THR F 117 4.45 -31.79 -44.87
N VAL F 118 4.00 -32.43 -43.80
CA VAL F 118 4.82 -33.31 -42.98
C VAL F 118 4.44 -34.75 -43.32
N SER F 119 5.41 -35.56 -43.74
CA SER F 119 5.18 -36.96 -44.07
C SER F 119 5.96 -37.84 -43.11
N SER F 120 5.63 -39.13 -43.11
CA SER F 120 6.30 -40.10 -42.24
C SER F 120 7.06 -41.16 -43.04
C1 EDO G . -15.55 -14.68 -12.01
O1 EDO G . -14.87 -15.86 -11.65
C2 EDO G . -16.79 -14.95 -12.83
O2 EDO G . -16.57 -16.07 -13.67
S SO4 H . -29.57 -30.64 -9.35
O1 SO4 H . -29.29 -31.16 -7.98
O2 SO4 H . -28.63 -31.32 -10.30
O3 SO4 H . -31.00 -30.90 -9.77
O4 SO4 H . -29.34 -29.15 -9.30
C1 EDO I . 19.05 6.99 10.08
O1 EDO I . 19.88 6.56 11.15
C2 EDO I . 19.49 8.35 9.58
O2 EDO I . 20.28 8.27 8.40
C1 EDO J . 0.99 -17.03 -23.60
O1 EDO J . 1.80 -16.41 -22.60
C2 EDO J . 1.68 -18.28 -24.14
O2 EDO J . 0.86 -18.97 -25.06
#